data_3T1A
#
_entry.id   3T1A
#
_cell.length_a   118.330
_cell.length_b   154.230
_cell.length_c   155.680
_cell.angle_alpha   90.00
_cell.angle_beta   90.00
_cell.angle_gamma   90.00
#
_symmetry.space_group_name_H-M   'C 2 2 21'
#
loop_
_entity.id
_entity.type
_entity.pdbx_description
1 polymer 'Reverse Transcriptase'
2 non-polymer 1-(2,5-dichloro-3-{[5-chloro-1-(2H-pyrazolo[3,4-b]pyridin-3-ylmethyl)-1H-benzotriazol-4-yl]oxy}phenyl)methanamine
3 water water
#
_entity_poly.entity_id   1
_entity_poly.type   'polypeptide(L)'
_entity_poly.pdbx_seq_one_letter_code
;MNSPISPIETVPVKLKPGMDGPKVKQWPLTEEKIKALVEICTEMEKEGKISKIGPENPYNTPVFAIKKKDSTKWRKLVDF
RELNKRTQDFWEVQLGIPHPAGLKKNKSVTVLDVGDAYFSVPLDEDFRKYTAFTIPSINNETPGIRYQYNVLPQGWKGSP
AIFQSSMTKILEPFRKQNPDIVIYQYMDDLYVGSDLEIGQHRTKIEELRQHLLRWGLTTPDKKHQKEPPFLWMGYELHPD
KWTVQPIVLPEKDSWTVNDIQKLVGKLNWASQIYPGIKVRQLCKLLRGTKALTEVIPLTEEAELELAENREILKEPVHGV
YYDPSKDLIAEIQKQGQGQWTYQIYQEPFKNLKTGKYARMRGAHTNDVKQLTEAVQKITTESIVIWGKTPKFKLPIQKET
WETWWTEYWQATWIPEWEFVNTPPLVKLWYQLEKEPIVGAETFYVDGAANRETKLGKAGYVTNRGRQKVVTLTDTTNQKT
ELQAIYLALQDSGLEVNIVTDSQYALGIIQAQPDQSESELVNQIIEQLIKKEKVYLAWVPAHKGIGGNEQVDKLVSAGIR
KVL
;
_entity_poly.pdbx_strand_id   A,B
#
loop_
_chem_comp.id
_chem_comp.type
_chem_comp.name
_chem_comp.formula
5MA non-polymer 1-(2,5-dichloro-3-{[5-chloro-1-(2H-pyrazolo[3,4-b]pyridin-3-ylmethyl)-1H-benzotriazol-4-yl]oxy}phenyl)methanamine 'C20 H14 Cl3 N7 O'
#
# COMPACT_ATOMS: atom_id res chain seq x y z
N SER A 3 -30.36 19.16 30.34
CA SER A 3 -30.04 18.43 29.10
C SER A 3 -30.23 16.91 29.23
N PRO A 4 -30.87 16.25 28.22
CA PRO A 4 -31.04 14.79 28.29
C PRO A 4 -29.76 13.98 28.20
N ILE A 5 -29.88 12.70 28.58
CA ILE A 5 -28.87 11.65 28.54
C ILE A 5 -29.57 10.53 27.79
N SER A 6 -29.04 10.19 26.62
CA SER A 6 -29.61 9.18 25.74
C SER A 6 -30.03 7.84 26.38
N PRO A 7 -31.27 7.35 26.09
CA PRO A 7 -31.66 6.01 26.59
C PRO A 7 -31.03 4.86 25.81
N ILE A 8 -30.08 5.15 24.86
CA ILE A 8 -29.42 4.10 24.08
C ILE A 8 -28.65 3.13 24.90
N GLU A 9 -28.53 1.91 24.35
CA GLU A 9 -27.77 0.81 24.90
C GLU A 9 -26.34 1.29 25.04
N THR A 10 -25.75 0.93 26.14
CA THR A 10 -24.40 1.28 26.53
C THR A 10 -23.38 0.46 25.73
N VAL A 11 -22.19 1.03 25.52
CA VAL A 11 -21.11 0.30 24.85
C VAL A 11 -20.26 -0.35 25.95
N PRO A 12 -20.16 -1.70 26.02
CA PRO A 12 -19.32 -2.32 27.05
C PRO A 12 -17.83 -1.97 26.89
N VAL A 13 -17.25 -1.37 27.93
CA VAL A 13 -15.87 -0.91 27.95
C VAL A 13 -15.08 -1.77 28.93
N LYS A 14 -13.81 -2.00 28.63
CA LYS A 14 -12.89 -2.79 29.41
C LYS A 14 -11.59 -2.04 29.60
N LEU A 15 -10.80 -2.47 30.58
CA LEU A 15 -9.47 -1.94 30.78
C LEU A 15 -8.54 -2.88 30.03
N LYS A 16 -7.30 -2.47 29.80
CA LYS A 16 -6.32 -3.32 29.10
C LYS A 16 -6.02 -4.55 29.98
N PRO A 17 -5.88 -5.76 29.38
CA PRO A 17 -5.64 -6.97 30.19
C PRO A 17 -4.43 -6.88 31.10
N GLY A 18 -4.63 -7.32 32.33
CA GLY A 18 -3.61 -7.32 33.38
C GLY A 18 -3.48 -6.00 34.11
N MET A 19 -4.42 -5.07 33.86
CA MET A 19 -4.41 -3.71 34.44
C MET A 19 -5.68 -3.42 35.18
N ASP A 20 -5.55 -2.69 36.30
CA ASP A 20 -6.69 -2.23 37.10
C ASP A 20 -6.83 -0.73 36.90
N GLY A 21 -7.94 -0.16 37.36
CA GLY A 21 -8.28 1.24 37.25
C GLY A 21 -7.26 2.17 37.90
N PRO A 22 -7.34 3.49 37.62
CA PRO A 22 -6.35 4.41 38.19
C PRO A 22 -6.56 4.68 39.68
N LYS A 23 -5.48 4.86 40.43
CA LYS A 23 -5.51 5.17 41.87
C LYS A 23 -4.49 6.28 42.08
N VAL A 24 -4.75 7.45 41.46
CA VAL A 24 -3.85 8.60 41.52
C VAL A 24 -4.31 9.65 42.49
N LYS A 25 -3.43 9.94 43.48
CA LYS A 25 -3.71 10.83 44.60
C LYS A 25 -4.13 12.24 44.23
N GLN A 26 -5.16 12.72 44.92
CA GLN A 26 -5.66 14.06 44.69
C GLN A 26 -4.74 15.05 45.40
N TRP A 27 -4.23 16.01 44.65
CA TRP A 27 -3.37 17.05 45.21
C TRP A 27 -4.25 18.08 45.96
N PRO A 28 -3.85 18.48 47.21
CA PRO A 28 -4.61 19.51 47.95
C PRO A 28 -4.82 20.79 47.13
N LEU A 29 -6.04 21.31 47.14
CA LEU A 29 -6.42 22.47 46.35
C LEU A 29 -6.64 23.75 47.18
N THR A 30 -6.60 24.95 46.54
CA THR A 30 -6.90 26.21 47.23
C THR A 30 -8.41 26.27 47.56
N GLU A 31 -8.82 27.14 48.51
CA GLU A 31 -10.23 27.27 48.88
C GLU A 31 -11.11 27.68 47.70
N GLU A 32 -10.68 28.71 46.95
CA GLU A 32 -11.40 29.20 45.76
C GLU A 32 -11.59 28.10 44.69
N LYS A 33 -10.61 27.18 44.55
CA LYS A 33 -10.69 26.05 43.63
C LYS A 33 -11.66 25.00 44.16
N ILE A 34 -11.61 24.69 45.47
CA ILE A 34 -12.52 23.70 46.08
C ILE A 34 -13.99 24.17 45.94
N LYS A 35 -14.24 25.45 46.19
CA LYS A 35 -15.56 26.07 46.10
C LYS A 35 -16.07 26.00 44.67
N ALA A 36 -15.25 26.43 43.71
CA ALA A 36 -15.57 26.37 42.28
C ALA A 36 -15.97 24.95 41.88
N LEU A 37 -15.18 23.95 42.28
CA LEU A 37 -15.46 22.55 41.96
C LEU A 37 -16.74 22.05 42.60
N VAL A 38 -16.97 22.38 43.89
CA VAL A 38 -18.18 21.97 44.60
C VAL A 38 -19.43 22.49 43.85
N GLU A 39 -19.44 23.78 43.45
CA GLU A 39 -20.54 24.39 42.70
C GLU A 39 -20.78 23.71 41.33
N ILE A 40 -19.68 23.44 40.57
CA ILE A 40 -19.72 22.76 39.27
C ILE A 40 -20.30 21.34 39.44
N CYS A 41 -19.70 20.55 40.36
CA CYS A 41 -20.12 19.19 40.64
C CYS A 41 -21.54 19.00 41.16
N THR A 42 -22.05 19.90 42.02
CA THR A 42 -23.42 19.79 42.52
C THR A 42 -24.39 20.01 41.34
N GLU A 43 -24.06 20.96 40.44
CA GLU A 43 -24.86 21.24 39.26
C GLU A 43 -24.88 20.07 38.27
N MET A 44 -23.72 19.45 37.97
CA MET A 44 -23.63 18.26 37.09
C MET A 44 -24.36 17.05 37.67
N GLU A 45 -24.30 16.88 39.00
CA GLU A 45 -24.95 15.78 39.74
C GLU A 45 -26.50 15.87 39.62
N LYS A 46 -27.04 17.11 39.67
CA LYS A 46 -28.47 17.41 39.53
C LYS A 46 -28.96 17.15 38.11
N GLU A 47 -28.06 17.39 37.11
CA GLU A 47 -28.33 17.20 35.68
C GLU A 47 -28.22 15.72 35.25
N GLY A 48 -27.77 14.84 36.15
CA GLY A 48 -27.57 13.41 35.92
C GLY A 48 -26.18 13.01 35.44
N LYS A 49 -25.32 14.00 35.10
CA LYS A 49 -23.96 13.82 34.55
C LYS A 49 -22.98 13.01 35.40
N ILE A 50 -22.96 13.29 36.71
CA ILE A 50 -22.13 12.56 37.68
C ILE A 50 -23.01 12.12 38.87
N SER A 51 -22.48 11.21 39.70
CA SER A 51 -23.16 10.69 40.86
C SER A 51 -22.19 10.54 42.02
N LYS A 52 -22.71 10.75 43.25
CA LYS A 52 -21.93 10.62 44.48
C LYS A 52 -21.68 9.17 44.75
N ILE A 53 -20.48 8.83 45.24
CA ILE A 53 -20.10 7.45 45.60
C ILE A 53 -19.57 7.33 47.04
N GLY A 54 -19.60 6.11 47.57
CA GLY A 54 -19.06 5.81 48.89
C GLY A 54 -17.53 5.71 48.90
N PRO A 55 -16.89 5.44 50.07
CA PRO A 55 -15.40 5.35 50.09
C PRO A 55 -14.85 3.97 49.73
N GLU A 56 -15.76 2.99 49.53
CA GLU A 56 -15.46 1.61 49.15
C GLU A 56 -14.74 1.53 47.80
N ASN A 57 -15.08 2.45 46.85
CA ASN A 57 -14.48 2.58 45.51
C ASN A 57 -13.04 3.04 45.69
N PRO A 58 -12.04 2.24 45.24
CA PRO A 58 -10.64 2.58 45.51
C PRO A 58 -9.93 3.36 44.40
N TYR A 59 -10.65 3.66 43.32
CA TYR A 59 -10.07 4.37 42.19
C TYR A 59 -10.12 5.87 42.38
N ASN A 60 -9.19 6.56 41.73
CA ASN A 60 -9.11 8.01 41.75
C ASN A 60 -8.34 8.59 40.57
N THR A 61 -8.88 9.68 40.05
CA THR A 61 -8.32 10.48 38.97
C THR A 61 -8.23 11.93 39.51
N PRO A 62 -7.10 12.65 39.32
CA PRO A 62 -7.02 14.03 39.80
C PRO A 62 -7.93 15.04 39.09
N VAL A 63 -8.43 16.03 39.88
CA VAL A 63 -9.24 17.16 39.41
C VAL A 63 -8.53 18.51 39.63
N PHE A 64 -8.80 19.44 38.72
CA PHE A 64 -8.25 20.78 38.80
C PHE A 64 -9.35 21.75 38.39
N ALA A 65 -9.17 23.03 38.72
CA ALA A 65 -10.10 24.09 38.34
C ALA A 65 -9.32 25.30 37.87
N ILE A 66 -9.71 25.88 36.71
CA ILE A 66 -9.11 27.09 36.15
C ILE A 66 -10.16 28.17 35.86
N LYS A 67 -9.75 29.47 35.93
CA LYS A 67 -10.61 30.63 35.65
C LYS A 67 -10.49 31.03 34.18
N THR A 72 -15.00 35.49 34.45
CA THR A 72 -15.45 35.37 35.83
C THR A 72 -15.87 33.94 36.19
N LYS A 73 -16.00 33.07 35.18
CA LYS A 73 -16.38 31.67 35.38
C LYS A 73 -15.18 30.71 35.56
N TRP A 74 -15.46 29.56 36.20
CA TRP A 74 -14.51 28.51 36.49
C TRP A 74 -14.85 27.27 35.70
N ARG A 75 -13.82 26.50 35.34
CA ARG A 75 -14.00 25.24 34.63
C ARG A 75 -13.27 24.11 35.34
N LYS A 76 -13.86 22.90 35.30
CA LYS A 76 -13.35 21.69 35.89
C LYS A 76 -12.50 20.96 34.87
N LEU A 77 -11.24 20.70 35.22
CA LEU A 77 -10.31 19.93 34.40
C LEU A 77 -10.00 18.61 35.07
N VAL A 78 -10.33 17.51 34.41
CA VAL A 78 -10.08 16.17 34.92
C VAL A 78 -8.90 15.60 34.15
N ASP A 79 -7.85 15.19 34.87
CA ASP A 79 -6.68 14.59 34.25
C ASP A 79 -6.85 13.08 34.08
N PHE A 80 -7.40 12.70 32.93
CA PHE A 80 -7.63 11.30 32.59
C PHE A 80 -6.42 10.55 31.98
N ARG A 81 -5.20 11.12 32.02
CA ARG A 81 -3.98 10.49 31.52
C ARG A 81 -3.75 9.06 32.01
N GLU A 82 -4.00 8.79 33.30
CA GLU A 82 -3.81 7.47 33.87
C GLU A 82 -4.86 6.48 33.44
N LEU A 83 -6.15 6.88 33.49
CA LEU A 83 -7.28 6.06 33.06
C LEU A 83 -7.15 5.73 31.57
N ASN A 84 -6.80 6.74 30.74
CA ASN A 84 -6.59 6.59 29.28
C ASN A 84 -5.52 5.55 28.93
N LYS A 85 -4.44 5.48 29.71
CA LYS A 85 -3.35 4.50 29.58
C LYS A 85 -3.83 3.07 29.93
N ARG A 86 -4.91 2.96 30.71
CA ARG A 86 -5.42 1.66 31.18
C ARG A 86 -6.69 1.23 30.45
N THR A 87 -7.34 2.16 29.74
CA THR A 87 -8.54 1.87 28.97
C THR A 87 -8.13 1.10 27.70
N GLN A 88 -8.97 0.13 27.30
CA GLN A 88 -8.80 -0.65 26.07
C GLN A 88 -8.68 0.27 24.86
N ASP A 89 -8.13 -0.26 23.76
CA ASP A 89 -8.08 0.52 22.52
C ASP A 89 -9.45 0.46 21.88
N PHE A 90 -9.79 1.51 21.16
CA PHE A 90 -11.06 1.58 20.45
C PHE A 90 -10.78 1.62 18.98
N TRP A 91 -11.82 1.35 18.18
CA TRP A 91 -11.69 1.44 16.74
C TRP A 91 -11.51 2.92 16.33
N GLU A 92 -10.70 3.19 15.27
CA GLU A 92 -10.49 4.54 14.75
C GLU A 92 -11.80 5.16 14.32
N VAL A 93 -12.04 6.39 14.81
CA VAL A 93 -13.27 7.16 14.57
C VAL A 93 -13.56 7.25 13.05
N GLN A 94 -12.72 7.97 12.29
CA GLN A 94 -12.87 8.07 10.83
C GLN A 94 -11.56 7.76 10.10
N LEU A 95 -11.66 7.14 8.92
CA LEU A 95 -10.46 6.81 8.16
C LEU A 95 -10.00 7.91 7.20
N GLY A 96 -10.79 8.96 7.13
CA GLY A 96 -10.55 10.15 6.34
C GLY A 96 -11.57 11.23 6.64
N ILE A 97 -11.40 12.41 6.06
CA ILE A 97 -12.37 13.48 6.25
C ILE A 97 -12.99 13.87 4.91
N PRO A 98 -14.30 14.14 4.83
CA PRO A 98 -14.89 14.48 3.52
C PRO A 98 -14.21 15.66 2.85
N HIS A 99 -14.05 15.57 1.51
CA HIS A 99 -13.48 16.65 0.73
C HIS A 99 -14.65 17.36 0.07
N PRO A 100 -14.67 18.71 0.06
CA PRO A 100 -15.77 19.44 -0.60
C PRO A 100 -16.09 19.04 -2.07
N ALA A 101 -15.06 18.70 -2.87
CA ALA A 101 -15.18 18.31 -4.27
C ALA A 101 -15.98 17.01 -4.49
N GLY A 102 -16.10 16.23 -3.43
CA GLY A 102 -16.85 14.97 -3.40
C GLY A 102 -18.31 15.16 -3.03
N LEU A 103 -18.69 16.41 -2.66
CA LEU A 103 -20.07 16.76 -2.29
C LEU A 103 -20.86 17.01 -3.55
N LYS A 104 -22.08 16.46 -3.58
CA LYS A 104 -23.02 16.60 -4.68
C LYS A 104 -23.85 17.82 -4.34
N LYS A 105 -24.30 18.55 -5.36
CA LYS A 105 -25.12 19.73 -5.15
C LYS A 105 -26.53 19.28 -4.74
N ASN A 106 -27.00 19.77 -3.58
CA ASN A 106 -28.34 19.52 -3.04
C ASN A 106 -29.16 20.79 -3.11
N LYS A 107 -30.50 20.66 -3.24
CA LYS A 107 -31.38 21.85 -3.26
C LYS A 107 -31.25 22.59 -1.93
N SER A 108 -31.31 21.85 -0.81
CA SER A 108 -31.14 22.46 0.51
C SER A 108 -30.29 21.61 1.45
N VAL A 109 -29.45 22.30 2.22
CA VAL A 109 -28.57 21.69 3.23
C VAL A 109 -28.60 22.46 4.54
N THR A 110 -28.76 21.73 5.65
CA THR A 110 -28.75 22.35 6.98
C THR A 110 -27.72 21.71 7.91
N VAL A 111 -27.09 22.56 8.75
CA VAL A 111 -26.13 22.14 9.77
C VAL A 111 -26.85 21.99 11.14
N LEU A 112 -26.75 20.77 11.73
CA LEU A 112 -27.28 20.40 13.05
C LEU A 112 -26.15 20.01 14.01
N ASP A 113 -25.73 20.93 14.87
CA ASP A 113 -24.72 20.59 15.89
C ASP A 113 -25.44 20.03 17.12
N VAL A 114 -24.96 18.92 17.65
CA VAL A 114 -25.54 18.30 18.82
C VAL A 114 -25.02 19.07 20.05
N GLY A 115 -25.96 19.52 20.88
CA GLY A 115 -25.66 20.25 22.10
C GLY A 115 -25.17 19.32 23.20
N ASP A 116 -24.04 19.71 23.84
CA ASP A 116 -23.36 18.97 24.92
C ASP A 116 -23.31 17.46 24.69
N ALA A 117 -22.71 17.10 23.53
CA ALA A 117 -22.58 15.78 22.94
C ALA A 117 -22.19 14.63 23.86
N TYR A 118 -20.98 14.70 24.46
CA TYR A 118 -20.47 13.63 25.34
C TYR A 118 -21.33 13.48 26.59
N PHE A 119 -21.76 14.60 27.14
CA PHE A 119 -22.62 14.61 28.31
C PHE A 119 -24.04 14.06 28.02
N SER A 120 -24.46 13.97 26.73
CA SER A 120 -25.76 13.41 26.32
C SER A 120 -25.73 11.90 26.06
N VAL A 121 -24.60 11.22 26.31
CA VAL A 121 -24.57 9.76 26.09
C VAL A 121 -24.06 9.00 27.30
N PRO A 122 -24.75 7.92 27.71
CA PRO A 122 -24.37 7.22 28.94
C PRO A 122 -23.09 6.44 28.82
N LEU A 123 -22.45 6.16 29.98
CA LEU A 123 -21.24 5.37 30.10
C LEU A 123 -21.59 3.99 30.67
N ASP A 124 -20.90 2.95 30.20
CA ASP A 124 -21.06 1.56 30.67
C ASP A 124 -21.04 1.55 32.20
N GLU A 125 -22.16 1.11 32.82
CA GLU A 125 -22.35 1.07 34.27
C GLU A 125 -21.21 0.40 35.01
N ASP A 126 -20.67 -0.67 34.43
CA ASP A 126 -19.56 -1.44 35.00
C ASP A 126 -18.20 -0.76 34.82
N PHE A 127 -18.16 0.37 34.08
CA PHE A 127 -16.94 1.12 33.83
C PHE A 127 -16.90 2.44 34.61
N ARG A 128 -18.09 2.97 35.00
CA ARG A 128 -18.27 4.21 35.78
C ARG A 128 -17.36 4.30 37.01
N LYS A 129 -17.14 3.18 37.69
CA LYS A 129 -16.27 3.08 38.87
C LYS A 129 -14.84 3.57 38.62
N TYR A 130 -14.33 3.38 37.39
CA TYR A 130 -12.96 3.78 37.05
C TYR A 130 -12.79 5.30 36.81
N THR A 131 -13.92 6.05 36.71
CA THR A 131 -13.94 7.50 36.47
C THR A 131 -14.02 8.32 37.77
N ALA A 132 -13.91 7.63 38.91
CA ALA A 132 -13.97 8.17 40.28
C ALA A 132 -12.99 9.35 40.50
N PHE A 133 -13.50 10.46 41.05
CA PHE A 133 -12.68 11.63 41.37
C PHE A 133 -13.09 12.22 42.74
N THR A 134 -12.15 12.93 43.36
CA THR A 134 -12.36 13.48 44.69
C THR A 134 -12.17 14.99 44.74
N ILE A 135 -13.16 15.73 45.30
CA ILE A 135 -13.00 17.18 45.56
C ILE A 135 -12.34 17.18 46.96
N PRO A 136 -11.08 17.64 47.11
CA PRO A 136 -10.47 17.56 48.44
C PRO A 136 -11.13 18.54 49.39
N SER A 137 -11.15 18.19 50.69
CA SER A 137 -11.68 19.09 51.73
C SER A 137 -10.60 20.16 52.03
N ILE A 138 -10.98 21.26 52.72
CA ILE A 138 -10.04 22.35 53.05
C ILE A 138 -8.81 21.82 53.85
N ASN A 139 -7.63 21.91 53.21
CA ASN A 139 -6.33 21.42 53.64
C ASN A 139 -6.29 19.87 53.74
N ASN A 140 -5.63 19.28 54.74
CA ASN A 140 -5.66 17.81 54.84
C ASN A 140 -7.09 17.43 55.28
N GLU A 141 -7.43 17.83 56.51
CA GLU A 141 -8.68 17.66 57.21
C GLU A 141 -9.49 16.36 57.02
N THR A 142 -10.69 16.49 56.45
CA THR A 142 -11.75 15.48 56.30
C THR A 142 -11.84 14.72 54.96
N PRO A 143 -12.56 13.56 54.91
CA PRO A 143 -12.72 12.87 53.61
C PRO A 143 -13.31 13.79 52.56
N GLY A 144 -12.86 13.63 51.31
CA GLY A 144 -13.31 14.47 50.22
C GLY A 144 -14.67 14.05 49.72
N ILE A 145 -15.23 14.81 48.78
CA ILE A 145 -16.50 14.49 48.15
C ILE A 145 -16.12 13.67 46.90
N ARG A 146 -16.72 12.48 46.76
CA ARG A 146 -16.44 11.53 45.70
C ARG A 146 -17.54 11.41 44.70
N TYR A 147 -17.14 11.38 43.43
CA TYR A 147 -18.07 11.26 42.32
C TYR A 147 -17.49 10.35 41.28
N GLN A 148 -18.37 9.75 40.48
CA GLN A 148 -18.04 8.95 39.32
C GLN A 148 -18.94 9.45 38.20
N TYR A 149 -18.49 9.34 36.95
CA TYR A 149 -19.23 9.76 35.75
C TYR A 149 -20.34 8.79 35.37
N ASN A 150 -21.46 9.31 34.82
CA ASN A 150 -22.58 8.47 34.36
C ASN A 150 -22.65 8.55 32.85
N VAL A 151 -22.03 9.63 32.33
CA VAL A 151 -21.93 10.00 30.92
C VAL A 151 -20.46 9.90 30.43
N LEU A 152 -20.24 10.12 29.12
CA LEU A 152 -18.93 10.09 28.48
C LEU A 152 -18.12 11.29 28.95
N PRO A 153 -17.01 11.07 29.69
CA PRO A 153 -16.25 12.23 30.17
C PRO A 153 -15.38 12.86 29.08
N GLN A 154 -15.26 14.18 29.15
CA GLN A 154 -14.43 14.97 28.28
C GLN A 154 -12.96 14.66 28.63
N GLY A 155 -12.17 14.30 27.61
CA GLY A 155 -10.76 13.97 27.76
C GLY A 155 -10.49 12.48 27.96
N TRP A 156 -11.55 11.67 27.93
CA TRP A 156 -11.44 10.23 28.02
C TRP A 156 -11.35 9.61 26.64
N LYS A 157 -10.45 8.63 26.52
CA LYS A 157 -10.07 7.87 25.34
C LYS A 157 -11.25 7.37 24.49
N GLY A 158 -12.22 6.72 25.13
CA GLY A 158 -13.39 6.14 24.46
C GLY A 158 -14.48 7.08 24.02
N SER A 159 -14.53 8.30 24.53
CA SER A 159 -15.59 9.26 24.20
C SER A 159 -15.84 9.54 22.73
N PRO A 160 -14.83 9.94 21.89
CA PRO A 160 -15.13 10.20 20.47
C PRO A 160 -15.76 8.99 19.76
N ALA A 161 -15.20 7.79 19.94
CA ALA A 161 -15.66 6.54 19.33
C ALA A 161 -17.06 6.12 19.80
N ILE A 162 -17.30 6.13 21.15
CA ILE A 162 -18.60 5.76 21.72
C ILE A 162 -19.70 6.75 21.30
N PHE A 163 -19.42 8.07 21.29
CA PHE A 163 -20.40 9.02 20.80
C PHE A 163 -20.77 8.72 19.34
N GLN A 164 -19.75 8.64 18.42
CA GLN A 164 -19.96 8.35 17.01
C GLN A 164 -20.76 7.06 16.83
N SER A 165 -20.38 5.99 17.54
CA SER A 165 -21.09 4.71 17.50
C SER A 165 -22.56 4.84 17.92
N SER A 166 -22.83 5.65 18.98
CA SER A 166 -24.18 5.92 19.48
C SER A 166 -24.96 6.67 18.44
N MET A 167 -24.35 7.69 17.81
CA MET A 167 -25.00 8.51 16.77
C MET A 167 -25.35 7.66 15.52
N THR A 168 -24.54 6.63 15.23
CA THR A 168 -24.76 5.72 14.10
C THR A 168 -25.98 4.83 14.36
N LYS A 169 -26.05 4.19 15.55
CA LYS A 169 -27.16 3.31 15.94
C LYS A 169 -28.47 4.08 15.97
N ILE A 170 -28.45 5.33 16.44
CA ILE A 170 -29.59 6.25 16.47
C ILE A 170 -30.05 6.59 15.04
N LEU A 171 -29.11 7.09 14.18
CA LEU A 171 -29.45 7.47 12.80
C LEU A 171 -29.92 6.33 11.92
N GLU A 172 -29.49 5.08 12.20
CA GLU A 172 -29.84 3.88 11.42
C GLU A 172 -31.31 3.82 10.94
N PRO A 173 -32.34 3.71 11.82
CA PRO A 173 -33.72 3.64 11.31
C PRO A 173 -34.14 4.84 10.48
N PHE A 174 -33.63 6.04 10.80
CA PHE A 174 -33.97 7.22 10.02
C PHE A 174 -33.37 7.14 8.60
N ARG A 175 -32.15 6.58 8.47
CA ARG A 175 -31.47 6.43 7.20
C ARG A 175 -32.25 5.49 6.28
N LYS A 176 -32.71 4.34 6.83
CA LYS A 176 -33.51 3.33 6.13
C LYS A 176 -34.78 3.95 5.53
N GLN A 177 -35.57 4.65 6.36
CA GLN A 177 -36.82 5.29 5.97
C GLN A 177 -36.67 6.60 5.16
N ASN A 178 -35.42 7.05 4.90
CA ASN A 178 -35.12 8.26 4.11
C ASN A 178 -33.85 8.06 3.28
N PRO A 179 -33.88 7.21 2.22
CA PRO A 179 -32.65 6.95 1.47
C PRO A 179 -32.22 8.08 0.54
N ASP A 180 -33.13 9.01 0.25
CA ASP A 180 -32.87 10.18 -0.61
C ASP A 180 -32.39 11.40 0.19
N ILE A 181 -31.99 11.18 1.45
CA ILE A 181 -31.48 12.21 2.34
C ILE A 181 -30.05 11.91 2.69
N VAL A 182 -29.17 12.89 2.48
CA VAL A 182 -27.75 12.80 2.77
C VAL A 182 -27.55 13.32 4.18
N ILE A 183 -26.81 12.55 4.97
CA ILE A 183 -26.43 12.91 6.32
C ILE A 183 -24.94 12.65 6.47
N TYR A 184 -24.18 13.71 6.70
CA TYR A 184 -22.75 13.60 7.01
C TYR A 184 -22.56 13.63 8.54
N GLN A 185 -21.79 12.66 9.09
CA GLN A 185 -21.48 12.59 10.52
C GLN A 185 -20.07 13.13 10.70
N TYR A 186 -19.95 14.25 11.41
CA TYR A 186 -18.65 14.83 11.66
C TYR A 186 -18.58 15.30 13.08
N MET A 187 -17.79 14.57 13.91
CA MET A 187 -17.61 14.88 15.31
C MET A 187 -19.02 14.98 15.98
N ASP A 188 -19.39 16.16 16.51
CA ASP A 188 -20.70 16.34 17.16
C ASP A 188 -21.72 17.04 16.25
N ASP A 189 -21.40 17.13 14.93
CA ASP A 189 -22.26 17.76 13.92
C ASP A 189 -22.91 16.74 13.00
N LEU A 190 -24.02 17.17 12.40
CA LEU A 190 -24.77 16.48 11.37
C LEU A 190 -24.98 17.48 10.23
N TYR A 191 -24.64 17.07 9.00
CA TYR A 191 -24.82 17.93 7.83
C TYR A 191 -25.80 17.18 7.00
N VAL A 192 -26.97 17.79 6.77
CA VAL A 192 -28.13 17.14 6.18
C VAL A 192 -28.55 17.81 4.89
N GLY A 193 -28.66 17.00 3.84
CA GLY A 193 -29.01 17.51 2.54
C GLY A 193 -30.01 16.63 1.81
N SER A 194 -30.90 17.28 1.06
CA SER A 194 -31.91 16.57 0.27
C SER A 194 -32.21 17.39 -0.97
N ASP A 195 -32.88 16.78 -1.95
CA ASP A 195 -33.26 17.48 -3.15
C ASP A 195 -34.77 17.88 -3.14
N LEU A 196 -35.41 17.77 -1.97
CA LEU A 196 -36.80 18.15 -1.75
C LEU A 196 -36.93 19.67 -1.77
N GLU A 197 -38.13 20.19 -2.12
CA GLU A 197 -38.43 21.63 -2.14
C GLU A 197 -38.49 22.11 -0.69
N ILE A 198 -38.15 23.40 -0.43
CA ILE A 198 -38.06 24.01 0.89
C ILE A 198 -38.96 23.40 1.99
N GLY A 199 -40.25 23.30 1.67
CA GLY A 199 -41.31 22.78 2.53
C GLY A 199 -41.05 21.43 3.15
N GLN A 200 -40.88 20.39 2.31
CA GLN A 200 -40.61 19.06 2.86
C GLN A 200 -39.21 18.84 3.42
N HIS A 201 -38.26 19.74 3.11
CA HIS A 201 -36.91 19.65 3.69
C HIS A 201 -37.00 20.11 5.14
N ARG A 202 -37.62 21.31 5.38
CA ARG A 202 -37.86 21.90 6.69
C ARG A 202 -38.64 20.95 7.60
N THR A 203 -39.51 20.15 7.00
CA THR A 203 -40.37 19.13 7.63
C THR A 203 -39.54 17.91 7.99
N LYS A 204 -38.70 17.43 7.04
CA LYS A 204 -37.80 16.29 7.25
C LYS A 204 -36.77 16.60 8.32
N ILE A 205 -36.29 17.87 8.37
CA ILE A 205 -35.35 18.35 9.38
C ILE A 205 -36.00 18.23 10.76
N GLU A 206 -37.29 18.63 10.85
CA GLU A 206 -38.08 18.50 12.09
C GLU A 206 -38.31 17.06 12.46
N GLU A 207 -38.58 16.21 11.47
CA GLU A 207 -38.72 14.76 11.72
C GLU A 207 -37.38 14.21 12.28
N LEU A 208 -36.22 14.69 11.71
CA LEU A 208 -34.87 14.30 12.17
C LEU A 208 -34.63 14.80 13.61
N ARG A 209 -34.78 16.11 13.83
CA ARG A 209 -34.64 16.74 15.13
C ARG A 209 -35.41 16.00 16.23
N GLN A 210 -36.69 15.66 15.94
CA GLN A 210 -37.58 14.96 16.86
C GLN A 210 -37.17 13.53 17.09
N HIS A 211 -36.66 12.84 16.07
CA HIS A 211 -36.17 11.46 16.22
C HIS A 211 -34.94 11.47 17.12
N LEU A 212 -34.12 12.55 16.99
CA LEU A 212 -32.89 12.76 17.77
C LEU A 212 -33.23 13.03 19.24
N LEU A 213 -34.21 13.93 19.54
CA LEU A 213 -34.65 14.18 20.92
C LEU A 213 -35.22 12.95 21.62
N ARG A 214 -35.93 12.08 20.89
CA ARG A 214 -36.46 10.84 21.45
C ARG A 214 -35.32 9.99 22.00
N TRP A 215 -34.09 10.21 21.48
CA TRP A 215 -32.88 9.50 21.87
C TRP A 215 -31.89 10.33 22.68
N GLY A 216 -32.37 11.38 23.34
CA GLY A 216 -31.58 12.23 24.22
C GLY A 216 -30.72 13.30 23.59
N LEU A 217 -30.74 13.45 22.24
CA LEU A 217 -29.89 14.44 21.53
C LEU A 217 -30.62 15.71 21.09
N THR A 218 -30.14 16.87 21.56
CA THR A 218 -30.71 18.19 21.23
C THR A 218 -29.93 18.84 20.10
N THR A 219 -30.66 19.50 19.19
CA THR A 219 -30.10 20.13 18.00
C THR A 219 -30.69 21.54 17.86
N PRO A 220 -30.08 22.48 17.12
CA PRO A 220 -30.71 23.81 17.00
C PRO A 220 -31.93 23.83 16.08
N ASP A 221 -32.77 24.87 16.23
CA ASP A 221 -34.00 25.06 15.48
C ASP A 221 -33.81 26.12 14.42
N LYS A 222 -34.71 26.17 13.41
CA LYS A 222 -34.70 27.07 12.24
C LYS A 222 -34.01 28.42 12.41
N LYS A 223 -34.33 29.16 13.49
CA LYS A 223 -33.74 30.47 13.76
C LYS A 223 -32.28 30.39 14.21
N HIS A 224 -31.93 29.36 15.01
CA HIS A 224 -30.57 29.15 15.49
C HIS A 224 -29.67 28.43 14.49
N GLN A 225 -30.24 27.57 13.59
CA GLN A 225 -29.44 26.85 12.59
C GLN A 225 -28.78 27.78 11.53
N LYS A 226 -27.46 27.57 11.32
CA LYS A 226 -26.58 28.34 10.42
C LYS A 226 -27.08 28.46 8.98
N GLU A 227 -26.72 29.58 8.34
CA GLU A 227 -27.03 29.89 6.95
C GLU A 227 -25.75 29.79 6.07
N PRO A 228 -25.88 29.43 4.77
CA PRO A 228 -24.68 29.37 3.90
C PRO A 228 -24.17 30.78 3.57
N PRO A 229 -22.88 31.00 3.30
CA PRO A 229 -21.77 30.03 3.18
C PRO A 229 -21.26 29.45 4.50
N PHE A 230 -21.20 28.10 4.57
CA PHE A 230 -20.69 27.38 5.72
C PHE A 230 -19.16 27.46 5.79
N LEU A 231 -18.63 27.95 6.92
CA LEU A 231 -17.20 28.06 7.16
C LEU A 231 -16.88 26.77 7.91
N TRP A 232 -16.06 25.92 7.32
CA TRP A 232 -15.80 24.60 7.89
C TRP A 232 -14.45 24.06 7.44
N MET A 233 -13.56 23.80 8.41
CA MET A 233 -12.25 23.14 8.18
C MET A 233 -11.34 23.83 7.16
N GLY A 234 -11.36 25.14 7.16
CA GLY A 234 -10.57 25.97 6.25
C GLY A 234 -11.18 26.11 4.88
N TYR A 235 -12.42 25.63 4.71
CA TYR A 235 -13.15 25.72 3.45
C TYR A 235 -14.35 26.67 3.59
N GLU A 236 -14.93 27.06 2.44
CA GLU A 236 -16.10 27.94 2.29
C GLU A 236 -17.04 27.18 1.38
N LEU A 237 -18.20 26.73 1.92
CA LEU A 237 -19.18 25.99 1.15
C LEU A 237 -20.40 26.84 0.82
N HIS A 238 -20.45 27.33 -0.42
CA HIS A 238 -21.52 28.12 -1.04
C HIS A 238 -22.48 27.18 -1.78
N PRO A 239 -23.70 27.60 -2.17
CA PRO A 239 -24.63 26.64 -2.81
C PRO A 239 -24.26 26.13 -4.22
N ASP A 240 -23.43 26.85 -4.96
CA ASP A 240 -23.09 26.44 -6.33
C ASP A 240 -21.57 26.21 -6.50
N LYS A 241 -20.77 26.60 -5.50
CA LYS A 241 -19.31 26.52 -5.55
C LYS A 241 -18.70 26.33 -4.17
N TRP A 242 -17.42 25.96 -4.12
CA TRP A 242 -16.68 25.85 -2.86
C TRP A 242 -15.34 26.46 -3.09
N THR A 243 -14.68 26.92 -2.03
CA THR A 243 -13.31 27.44 -2.08
C THR A 243 -12.65 27.24 -0.71
N VAL A 244 -11.38 27.62 -0.59
CA VAL A 244 -10.63 27.60 0.67
C VAL A 244 -10.88 28.98 1.35
N GLN A 245 -10.77 29.07 2.68
CA GLN A 245 -11.00 30.33 3.37
C GLN A 245 -9.88 31.34 3.01
N PRO A 246 -10.13 32.67 3.15
CA PRO A 246 -9.11 33.65 2.71
C PRO A 246 -7.68 33.36 3.08
N ILE A 247 -6.81 33.42 2.08
CA ILE A 247 -5.38 33.21 2.24
C ILE A 247 -4.66 34.54 2.10
N VAL A 248 -3.96 34.93 3.15
CA VAL A 248 -3.20 36.16 3.21
C VAL A 248 -1.70 35.85 3.37
N LEU A 249 -0.95 36.11 2.30
CA LEU A 249 0.48 35.88 2.26
C LEU A 249 1.12 37.15 2.79
N PRO A 250 1.79 37.09 3.96
CA PRO A 250 2.35 38.32 4.52
C PRO A 250 3.49 38.91 3.70
N GLU A 251 3.64 40.24 3.78
CA GLU A 251 4.76 40.98 3.18
C GLU A 251 5.72 41.19 4.35
N LYS A 252 6.95 40.69 4.25
CA LYS A 252 7.92 40.82 5.32
C LYS A 252 9.26 41.28 4.83
N ASP A 253 10.00 42.04 5.66
CA ASP A 253 11.34 42.46 5.34
C ASP A 253 12.30 41.28 5.56
N SER A 254 12.12 40.56 6.67
CA SER A 254 12.97 39.45 7.07
C SER A 254 12.09 38.26 7.40
N TRP A 255 12.26 37.15 6.66
CA TRP A 255 11.51 35.90 6.84
C TRP A 255 12.27 34.96 7.75
N THR A 256 11.59 34.47 8.79
CA THR A 256 12.18 33.48 9.69
C THR A 256 11.66 32.11 9.23
N VAL A 257 12.34 31.03 9.68
CA VAL A 257 11.97 29.61 9.49
C VAL A 257 10.46 29.43 9.74
N ASN A 258 9.96 29.91 10.90
CA ASN A 258 8.54 29.87 11.27
C ASN A 258 7.60 30.56 10.26
N ASP A 259 8.00 31.72 9.68
CA ASP A 259 7.18 32.45 8.69
C ASP A 259 7.08 31.68 7.35
N ILE A 260 8.21 31.06 6.94
CA ILE A 260 8.32 30.27 5.71
C ILE A 260 7.49 29.00 5.85
N GLN A 261 7.57 28.34 7.02
CA GLN A 261 6.79 27.14 7.31
C GLN A 261 5.30 27.46 7.23
N LYS A 262 4.88 28.61 7.79
CA LYS A 262 3.49 29.06 7.79
C LYS A 262 3.01 29.43 6.38
N LEU A 263 3.92 30.00 5.55
CA LEU A 263 3.70 30.36 4.14
C LEU A 263 3.45 29.06 3.30
N VAL A 264 4.35 28.08 3.42
CA VAL A 264 4.27 26.77 2.75
C VAL A 264 2.97 26.03 3.06
N GLY A 265 2.58 26.00 4.34
CA GLY A 265 1.30 25.42 4.76
C GLY A 265 0.11 26.12 4.13
N LYS A 266 0.15 27.44 4.05
CA LYS A 266 -0.92 28.24 3.43
C LYS A 266 -0.99 27.97 1.91
N LEU A 267 0.15 27.94 1.24
CA LEU A 267 0.27 27.68 -0.21
C LEU A 267 -0.19 26.25 -0.56
N ASN A 268 0.24 25.24 0.24
CA ASN A 268 -0.22 23.86 0.14
C ASN A 268 -1.71 23.75 0.29
N TRP A 269 -2.31 24.47 1.25
CA TRP A 269 -3.76 24.48 1.46
C TRP A 269 -4.49 25.09 0.24
N ALA A 270 -3.95 26.20 -0.30
CA ALA A 270 -4.49 26.89 -1.49
C ALA A 270 -4.39 26.00 -2.74
N SER A 271 -3.32 25.18 -2.82
CA SER A 271 -3.07 24.25 -3.94
C SER A 271 -4.22 23.28 -4.33
N GLN A 272 -5.21 23.06 -3.43
CA GLN A 272 -6.39 22.19 -3.60
C GLN A 272 -7.39 22.73 -4.63
N ILE A 273 -7.36 24.07 -4.85
CA ILE A 273 -8.30 24.71 -5.77
C ILE A 273 -7.66 25.77 -6.70
N TYR A 274 -6.53 26.35 -6.30
CA TYR A 274 -5.79 27.33 -7.09
C TYR A 274 -4.72 26.58 -7.90
N PRO A 275 -4.85 26.55 -9.25
CA PRO A 275 -3.87 25.80 -10.04
C PRO A 275 -2.53 26.50 -10.19
N GLY A 276 -1.48 25.71 -10.28
CA GLY A 276 -0.16 26.23 -10.54
C GLY A 276 0.68 26.62 -9.33
N ILE A 277 0.12 26.53 -8.10
CA ILE A 277 0.84 26.85 -6.86
C ILE A 277 2.14 26.03 -6.83
N LYS A 278 3.27 26.68 -6.55
CA LYS A 278 4.61 26.10 -6.50
C LYS A 278 5.20 26.37 -5.12
N VAL A 279 5.98 25.43 -4.63
CA VAL A 279 6.46 25.45 -3.26
C VAL A 279 7.89 24.91 -3.14
N ARG A 280 8.43 24.38 -4.25
CA ARG A 280 9.78 23.81 -4.30
C ARG A 280 10.87 24.73 -3.78
N GLN A 281 10.97 25.96 -4.33
CA GLN A 281 12.00 26.94 -3.94
C GLN A 281 11.86 27.47 -2.50
N LEU A 282 10.62 27.59 -1.99
CA LEU A 282 10.34 28.01 -0.61
C LEU A 282 10.74 26.87 0.34
N CYS A 283 10.44 25.60 -0.01
CA CYS A 283 10.80 24.43 0.80
C CYS A 283 12.30 24.28 0.95
N LYS A 284 13.07 24.44 -0.16
CA LYS A 284 14.54 24.36 -0.17
C LYS A 284 15.17 25.23 0.91
N LEU A 285 14.55 26.38 1.23
CA LEU A 285 15.06 27.29 2.26
C LEU A 285 15.07 26.65 3.66
N LEU A 286 14.11 25.75 3.91
CA LEU A 286 13.95 25.02 5.17
C LEU A 286 14.94 23.83 5.37
N ARG A 287 15.87 23.65 4.40
CA ARG A 287 16.92 22.64 4.46
C ARG A 287 18.01 23.18 5.38
N GLY A 288 18.42 22.37 6.35
CA GLY A 288 19.47 22.75 7.29
C GLY A 288 19.06 22.88 8.74
N THR A 289 20.09 23.08 9.60
CA THR A 289 19.99 23.21 11.06
C THR A 289 19.71 24.70 11.37
N LYS A 290 18.45 25.13 11.16
CA LYS A 290 18.06 26.53 11.37
C LYS A 290 16.96 26.70 12.41
N ALA A 291 17.16 27.67 13.33
CA ALA A 291 16.24 28.04 14.43
C ALA A 291 14.95 28.74 13.96
N LEU A 292 13.80 28.46 14.64
CA LEU A 292 12.45 29.04 14.41
C LEU A 292 12.45 30.52 14.04
N THR A 293 13.18 31.34 14.82
CA THR A 293 13.27 32.79 14.72
C THR A 293 14.49 33.24 13.90
N GLU A 294 15.27 32.28 13.37
CA GLU A 294 16.42 32.58 12.53
C GLU A 294 15.91 33.01 11.15
N VAL A 295 16.33 34.21 10.74
CA VAL A 295 16.01 34.81 9.46
C VAL A 295 16.74 34.13 8.30
N ILE A 296 15.96 33.69 7.31
CA ILE A 296 16.48 33.10 6.07
C ILE A 296 16.32 34.14 4.96
N PRO A 297 17.44 34.62 4.38
CA PRO A 297 17.33 35.54 3.24
C PRO A 297 16.68 34.79 2.05
N LEU A 298 15.70 35.42 1.37
CA LEU A 298 15.09 34.72 0.25
C LEU A 298 16.04 34.70 -0.92
N THR A 299 16.20 33.53 -1.53
CA THR A 299 17.02 33.35 -2.73
C THR A 299 16.26 33.95 -3.93
N GLU A 300 16.94 34.13 -5.09
CA GLU A 300 16.29 34.69 -6.31
C GLU A 300 15.08 33.83 -6.70
N GLU A 301 15.31 32.51 -6.78
CA GLU A 301 14.35 31.46 -7.14
C GLU A 301 13.15 31.46 -6.18
N ALA A 302 13.41 31.57 -4.86
CA ALA A 302 12.38 31.65 -3.80
C ALA A 302 11.57 32.93 -4.02
N GLU A 303 12.25 34.09 -4.29
CA GLU A 303 11.59 35.38 -4.59
C GLU A 303 10.69 35.25 -5.82
N LEU A 304 11.21 34.62 -6.90
CA LEU A 304 10.49 34.38 -8.16
C LEU A 304 9.24 33.49 -7.98
N GLU A 305 9.38 32.39 -7.22
CA GLU A 305 8.32 31.45 -6.85
C GLU A 305 7.25 32.17 -5.98
N LEU A 306 7.68 33.01 -5.02
CA LEU A 306 6.77 33.81 -4.15
C LEU A 306 5.89 34.69 -4.99
N ALA A 307 6.51 35.46 -5.92
CA ALA A 307 5.85 36.38 -6.87
C ALA A 307 4.86 35.67 -7.79
N GLU A 308 5.24 34.48 -8.35
CA GLU A 308 4.33 33.69 -9.19
C GLU A 308 3.10 33.27 -8.39
N ASN A 309 3.31 32.86 -7.12
CA ASN A 309 2.23 32.47 -6.22
C ASN A 309 1.32 33.64 -5.87
N ARG A 310 1.89 34.85 -5.60
CA ARG A 310 1.08 36.04 -5.27
C ARG A 310 0.13 36.37 -6.42
N GLU A 311 0.62 36.22 -7.68
CA GLU A 311 -0.13 36.45 -8.91
C GLU A 311 -1.30 35.46 -9.05
N ILE A 312 -1.05 34.15 -8.76
CA ILE A 312 -2.07 33.09 -8.81
C ILE A 312 -3.19 33.41 -7.82
N LEU A 313 -2.80 33.82 -6.60
CA LEU A 313 -3.72 34.10 -5.51
C LEU A 313 -4.45 35.44 -5.55
N LYS A 314 -4.01 36.37 -6.45
CA LYS A 314 -4.52 37.74 -6.65
C LYS A 314 -6.05 37.83 -6.75
N GLU A 315 -6.64 37.06 -7.68
CA GLU A 315 -8.08 36.98 -7.92
C GLU A 315 -8.65 35.68 -7.30
N PRO A 316 -9.88 35.68 -6.74
CA PRO A 316 -10.42 34.45 -6.14
C PRO A 316 -10.75 33.37 -7.15
N VAL A 317 -10.55 32.10 -6.73
CA VAL A 317 -10.79 30.90 -7.52
C VAL A 317 -11.73 29.97 -6.72
N HIS A 318 -12.70 29.35 -7.40
CA HIS A 318 -13.62 28.43 -6.75
C HIS A 318 -13.63 27.08 -7.46
N GLY A 319 -14.15 26.09 -6.76
CA GLY A 319 -14.35 24.74 -7.29
C GLY A 319 -15.82 24.46 -7.37
N VAL A 320 -16.21 23.51 -8.21
CA VAL A 320 -17.61 23.12 -8.33
C VAL A 320 -17.83 21.78 -7.62
N TYR A 321 -19.11 21.41 -7.45
CA TYR A 321 -19.51 20.16 -6.81
C TYR A 321 -19.59 19.03 -7.84
N TYR A 322 -19.68 17.80 -7.34
CA TYR A 322 -19.69 16.58 -8.11
C TYR A 322 -21.06 16.17 -8.63
N ASP A 323 -21.09 15.76 -9.90
CA ASP A 323 -22.26 15.25 -10.58
C ASP A 323 -21.96 13.77 -10.87
N PRO A 324 -22.66 12.84 -10.18
CA PRO A 324 -22.32 11.42 -10.31
C PRO A 324 -22.57 10.76 -11.65
N SER A 325 -23.32 11.45 -12.53
CA SER A 325 -23.66 10.94 -13.85
C SER A 325 -22.51 11.16 -14.84
N LYS A 326 -21.74 12.26 -14.68
CA LYS A 326 -20.61 12.56 -15.55
C LYS A 326 -19.30 11.86 -15.10
N ASP A 327 -18.36 11.67 -16.05
CA ASP A 327 -17.04 11.09 -15.77
C ASP A 327 -16.14 12.18 -15.22
N LEU A 328 -15.01 11.79 -14.61
CA LEU A 328 -14.03 12.73 -14.10
C LEU A 328 -12.84 12.74 -15.05
N ILE A 329 -12.39 13.95 -15.39
CA ILE A 329 -11.24 14.12 -16.27
C ILE A 329 -10.13 14.68 -15.44
N ALA A 330 -8.94 14.07 -15.51
CA ALA A 330 -7.80 14.59 -14.80
C ALA A 330 -6.75 14.98 -15.82
N GLU A 331 -6.26 16.19 -15.71
CA GLU A 331 -5.25 16.74 -16.59
C GLU A 331 -4.06 17.08 -15.75
N ILE A 332 -2.86 16.73 -16.22
CA ILE A 332 -1.58 16.94 -15.56
C ILE A 332 -0.67 17.73 -16.50
N GLN A 333 0.16 18.63 -15.93
CA GLN A 333 1.17 19.42 -16.62
C GLN A 333 2.48 19.40 -15.83
N LYS A 334 3.59 19.38 -16.57
CA LYS A 334 4.92 19.49 -16.00
C LYS A 334 5.16 20.98 -15.76
N GLN A 335 5.58 21.35 -14.53
CA GLN A 335 5.84 22.74 -14.15
C GLN A 335 7.31 23.07 -14.20
N GLY A 336 8.14 22.06 -13.96
CA GLY A 336 9.58 22.17 -13.97
C GLY A 336 10.20 21.11 -13.09
N GLN A 337 11.32 21.49 -12.45
CA GLN A 337 12.22 20.78 -11.53
C GLN A 337 11.55 19.77 -10.61
N GLY A 338 10.98 18.72 -11.22
CA GLY A 338 10.27 17.65 -10.52
C GLY A 338 8.87 18.04 -10.08
N GLN A 339 8.38 19.23 -10.48
CA GLN A 339 7.06 19.77 -10.13
C GLN A 339 6.00 19.48 -11.19
N TRP A 340 4.86 18.94 -10.74
CA TRP A 340 3.71 18.57 -11.56
C TRP A 340 2.50 19.20 -10.93
N THR A 341 1.51 19.52 -11.78
CA THR A 341 0.27 20.17 -11.37
C THR A 341 -0.89 19.51 -12.09
N TYR A 342 -2.02 19.38 -11.39
CA TYR A 342 -3.19 18.74 -11.95
C TYR A 342 -4.48 19.43 -11.58
N GLN A 343 -5.50 19.17 -12.38
CA GLN A 343 -6.85 19.70 -12.24
C GLN A 343 -7.76 18.56 -12.55
N ILE A 344 -8.86 18.45 -11.81
CA ILE A 344 -9.88 17.44 -12.06
C ILE A 344 -11.18 18.18 -12.37
N TYR A 345 -11.86 17.79 -13.46
CA TYR A 345 -13.14 18.39 -13.87
C TYR A 345 -14.02 17.35 -14.50
N GLN A 346 -15.28 17.70 -14.71
CA GLN A 346 -16.25 16.82 -15.34
C GLN A 346 -16.71 17.50 -16.64
N GLU A 347 -16.82 18.84 -16.59
CA GLU A 347 -17.21 19.73 -17.65
C GLU A 347 -16.01 20.63 -17.91
N PRO A 348 -15.49 20.60 -19.18
CA PRO A 348 -14.30 21.40 -19.51
C PRO A 348 -14.18 22.82 -19.01
N PHE A 349 -13.22 22.87 -18.11
CA PHE A 349 -12.47 23.83 -17.32
C PHE A 349 -13.08 24.32 -16.02
N LYS A 350 -14.18 23.66 -15.59
CA LYS A 350 -14.83 23.95 -14.29
C LYS A 350 -14.37 22.85 -13.32
N ASN A 351 -13.22 23.09 -12.70
CA ASN A 351 -12.53 22.17 -11.79
C ASN A 351 -13.32 21.82 -10.55
N LEU A 352 -13.35 20.54 -10.22
CA LEU A 352 -13.91 20.05 -8.96
C LEU A 352 -12.81 20.32 -7.96
N LYS A 353 -11.54 19.98 -8.33
CA LYS A 353 -10.37 20.29 -7.50
C LYS A 353 -9.08 20.35 -8.30
N THR A 354 -8.02 20.84 -7.65
CA THR A 354 -6.67 20.91 -8.19
C THR A 354 -5.71 20.25 -7.20
N GLY A 355 -4.46 20.15 -7.60
CA GLY A 355 -3.43 19.60 -6.75
C GLY A 355 -2.07 19.71 -7.41
N LYS A 356 -1.06 19.29 -6.66
CA LYS A 356 0.31 19.25 -7.16
C LYS A 356 1.00 17.95 -6.73
N TYR A 357 2.05 17.59 -7.48
CA TYR A 357 2.87 16.42 -7.20
C TYR A 357 4.30 16.84 -7.42
N ALA A 358 5.16 16.50 -6.49
CA ALA A 358 6.58 16.78 -6.55
C ALA A 358 7.15 15.75 -5.64
N ARG A 359 7.88 14.78 -6.18
CA ARG A 359 8.45 13.78 -5.28
C ARG A 359 9.72 13.21 -5.81
N MET A 360 10.65 12.95 -4.88
CA MET A 360 11.90 12.30 -5.18
C MET A 360 11.70 10.83 -4.79
N ARG A 361 11.39 10.01 -5.81
CA ARG A 361 11.22 8.58 -5.65
C ARG A 361 12.53 7.91 -6.13
N GLY A 362 13.53 8.01 -5.26
CA GLY A 362 14.89 7.53 -5.49
C GLY A 362 15.85 8.69 -5.70
N ALA A 363 17.08 8.36 -6.15
CA ALA A 363 18.10 9.38 -6.41
C ALA A 363 18.15 9.75 -7.89
N HIS A 364 17.71 8.84 -8.76
CA HIS A 364 17.74 9.00 -10.22
C HIS A 364 16.40 8.67 -10.79
N THR A 365 15.90 9.57 -11.63
CA THR A 365 14.57 9.39 -12.20
C THR A 365 14.46 10.02 -13.57
N ASN A 366 13.25 9.97 -14.13
CA ASN A 366 12.91 10.61 -15.39
C ASN A 366 11.46 11.09 -15.36
N ASP A 367 11.07 11.90 -16.33
CA ASP A 367 9.73 12.50 -16.45
C ASP A 367 8.65 11.46 -16.69
N VAL A 368 8.99 10.35 -17.38
CA VAL A 368 8.06 9.25 -17.64
C VAL A 368 7.68 8.55 -16.33
N LYS A 369 8.66 8.32 -15.44
CA LYS A 369 8.44 7.69 -14.13
C LYS A 369 7.66 8.63 -13.21
N GLN A 370 8.03 9.95 -13.21
CA GLN A 370 7.37 10.96 -12.39
C GLN A 370 5.87 11.11 -12.76
N LEU A 371 5.58 11.08 -14.07
CA LEU A 371 4.23 11.18 -14.59
C LEU A 371 3.34 9.99 -14.12
N THR A 372 3.89 8.77 -14.10
CA THR A 372 3.14 7.59 -13.67
C THR A 372 2.85 7.62 -12.18
N GLU A 373 3.83 8.09 -11.41
CA GLU A 373 3.74 8.34 -9.96
C GLU A 373 2.62 9.35 -9.66
N ALA A 374 2.52 10.42 -10.50
CA ALA A 374 1.48 11.43 -10.37
C ALA A 374 0.10 10.87 -10.73
N VAL A 375 0.03 10.02 -11.79
CA VAL A 375 -1.21 9.35 -12.21
C VAL A 375 -1.72 8.43 -11.07
N GLN A 376 -0.80 7.71 -10.40
CA GLN A 376 -1.16 6.81 -9.31
C GLN A 376 -1.67 7.53 -8.10
N LYS A 377 -1.01 8.61 -7.74
CA LYS A 377 -1.39 9.49 -6.65
C LYS A 377 -2.79 10.12 -6.93
N ILE A 378 -3.09 10.54 -8.18
CA ILE A 378 -4.40 11.11 -8.55
C ILE A 378 -5.49 10.03 -8.54
N THR A 379 -5.18 8.83 -9.03
CA THR A 379 -6.09 7.69 -9.08
C THR A 379 -6.58 7.33 -7.66
N THR A 380 -5.64 7.24 -6.71
CA THR A 380 -5.90 6.96 -5.29
C THR A 380 -6.89 7.98 -4.73
N GLU A 381 -6.53 9.26 -4.87
CA GLU A 381 -7.33 10.41 -4.46
C GLU A 381 -8.75 10.39 -5.02
N SER A 382 -8.94 10.00 -6.30
CA SER A 382 -10.26 9.92 -6.94
C SER A 382 -11.10 8.80 -6.36
N ILE A 383 -10.47 7.65 -6.07
CA ILE A 383 -11.20 6.56 -5.43
C ILE A 383 -11.70 6.99 -4.05
N VAL A 384 -10.85 7.67 -3.26
CA VAL A 384 -11.24 8.20 -1.94
C VAL A 384 -12.42 9.23 -2.06
N ILE A 385 -12.27 10.25 -2.92
CA ILE A 385 -13.27 11.30 -3.06
C ILE A 385 -14.54 10.87 -3.81
N TRP A 386 -14.39 10.13 -4.92
CA TRP A 386 -15.54 9.81 -5.79
C TRP A 386 -15.93 8.35 -5.96
N GLY A 387 -15.11 7.43 -5.51
CA GLY A 387 -15.40 6.00 -5.70
C GLY A 387 -15.18 5.52 -7.13
N LYS A 388 -14.45 6.30 -7.94
CA LYS A 388 -14.14 5.96 -9.32
C LYS A 388 -12.84 6.65 -9.79
N THR A 389 -12.10 6.02 -10.70
CA THR A 389 -10.85 6.54 -11.24
C THR A 389 -11.18 7.57 -12.35
N PRO A 390 -10.35 8.59 -12.60
CA PRO A 390 -10.68 9.52 -13.68
C PRO A 390 -10.07 9.10 -15.03
N LYS A 391 -10.52 9.77 -16.10
CA LYS A 391 -9.96 9.59 -17.45
C LYS A 391 -8.83 10.60 -17.51
N PHE A 392 -7.63 10.17 -17.88
CA PHE A 392 -6.51 11.11 -17.90
C PHE A 392 -6.23 11.75 -19.25
N LYS A 393 -5.78 13.00 -19.24
CA LYS A 393 -5.31 13.74 -20.39
C LYS A 393 -3.89 14.11 -20.02
N LEU A 394 -2.91 13.44 -20.67
CA LEU A 394 -1.48 13.55 -20.36
C LEU A 394 -0.59 14.20 -21.40
N PRO A 395 0.49 14.92 -20.99
CA PRO A 395 1.38 15.56 -21.98
C PRO A 395 2.51 14.63 -22.44
N ILE A 396 2.13 13.43 -22.87
CA ILE A 396 3.06 12.39 -23.32
C ILE A 396 2.41 11.71 -24.50
N GLN A 397 3.17 11.41 -25.54
CA GLN A 397 2.66 10.73 -26.73
C GLN A 397 2.51 9.25 -26.39
N LYS A 398 1.51 8.63 -27.00
CA LYS A 398 1.23 7.21 -26.90
C LYS A 398 2.45 6.39 -27.28
N GLU A 399 3.24 6.87 -28.26
CA GLU A 399 4.47 6.26 -28.76
C GLU A 399 5.59 6.27 -27.71
N THR A 400 5.81 7.41 -27.03
CA THR A 400 6.81 7.54 -25.96
C THR A 400 6.49 6.58 -24.81
N TRP A 401 5.19 6.50 -24.43
CA TRP A 401 4.72 5.62 -23.36
C TRP A 401 4.90 4.14 -23.72
N GLU A 402 4.48 3.75 -24.93
CA GLU A 402 4.58 2.43 -25.54
C GLU A 402 6.03 1.98 -25.59
N THR A 403 6.95 2.88 -25.97
CA THR A 403 8.41 2.63 -26.05
C THR A 403 8.97 2.40 -24.64
N TRP A 404 8.54 3.22 -23.69
CA TRP A 404 8.97 3.10 -22.32
C TRP A 404 8.44 1.82 -21.63
N TRP A 405 7.10 1.61 -21.58
CA TRP A 405 6.51 0.47 -20.88
C TRP A 405 7.03 -0.89 -21.36
N THR A 406 7.23 -0.99 -22.65
CA THR A 406 7.71 -2.15 -23.37
C THR A 406 9.13 -2.56 -22.99
N GLU A 407 10.05 -1.60 -22.84
CA GLU A 407 11.46 -1.89 -22.55
C GLU A 407 11.86 -1.88 -21.05
N TYR A 408 11.04 -1.22 -20.19
CA TYR A 408 11.32 -1.09 -18.75
C TYR A 408 11.13 -2.42 -18.01
N TRP A 409 12.03 -2.73 -17.02
CA TRP A 409 12.02 -3.99 -16.22
C TRP A 409 10.79 -4.16 -15.33
N GLN A 410 10.17 -3.03 -14.95
CA GLN A 410 9.07 -2.95 -14.01
C GLN A 410 7.73 -2.91 -14.68
N ALA A 411 6.77 -3.63 -14.09
CA ALA A 411 5.39 -3.66 -14.50
C ALA A 411 4.85 -2.24 -14.19
N THR A 412 4.49 -1.54 -15.24
CA THR A 412 4.04 -0.17 -15.15
C THR A 412 2.79 -0.07 -15.97
N TRP A 413 1.81 0.69 -15.49
CA TRP A 413 0.53 0.80 -16.16
C TRP A 413 -0.17 2.09 -15.83
N ILE A 414 -0.78 2.69 -16.86
CA ILE A 414 -1.59 3.91 -16.74
C ILE A 414 -2.99 3.53 -17.23
N PRO A 415 -4.05 3.77 -16.41
CA PRO A 415 -5.43 3.49 -16.89
C PRO A 415 -5.81 4.41 -18.06
N GLU A 416 -7.02 4.25 -18.65
CA GLU A 416 -7.50 5.05 -19.79
C GLU A 416 -7.02 6.49 -19.81
N TRP A 417 -6.21 6.81 -20.84
CA TRP A 417 -5.66 8.15 -21.04
C TRP A 417 -5.62 8.57 -22.49
N GLU A 418 -5.46 9.88 -22.71
CA GLU A 418 -5.39 10.51 -24.02
C GLU A 418 -4.27 11.52 -23.99
N PHE A 419 -3.55 11.67 -25.11
CA PHE A 419 -2.49 12.66 -25.23
C PHE A 419 -3.14 14.02 -25.40
N VAL A 420 -2.54 15.03 -24.80
CA VAL A 420 -2.96 16.42 -24.88
C VAL A 420 -1.69 17.22 -25.14
N ASN A 421 -1.71 18.03 -26.21
CA ASN A 421 -0.55 18.82 -26.60
C ASN A 421 -0.42 20.09 -25.78
N THR A 422 -0.02 19.92 -24.51
CA THR A 422 0.19 21.00 -23.55
C THR A 422 1.68 20.98 -23.21
N PRO A 423 2.55 21.69 -23.96
CA PRO A 423 3.99 21.65 -23.65
C PRO A 423 4.33 22.27 -22.29
N PRO A 424 5.43 21.88 -21.58
CA PRO A 424 6.49 20.92 -21.98
C PRO A 424 5.99 19.49 -22.01
N LEU A 425 6.25 18.82 -23.15
CA LEU A 425 5.88 17.44 -23.39
C LEU A 425 6.84 16.53 -22.69
N VAL A 426 6.33 15.37 -22.27
CA VAL A 426 7.11 14.35 -21.55
C VAL A 426 7.80 13.45 -22.58
N LYS A 427 9.13 13.41 -22.54
CA LYS A 427 9.89 12.59 -23.48
C LYS A 427 11.09 11.89 -22.84
N LEU A 428 11.65 10.88 -23.55
CA LEU A 428 12.91 10.22 -23.18
C LEU A 428 14.02 10.96 -23.98
N TRP A 429 15.03 11.45 -23.27
CA TRP A 429 16.13 12.27 -23.80
C TRP A 429 17.22 11.56 -24.59
N TYR A 430 17.37 10.25 -24.36
CA TYR A 430 18.34 9.38 -25.02
C TYR A 430 17.88 7.92 -24.89
N GLN A 431 18.51 7.03 -25.65
CA GLN A 431 18.23 5.60 -25.65
C GLN A 431 19.49 4.82 -25.97
N LEU A 432 19.74 3.81 -25.17
CA LEU A 432 20.85 2.88 -25.25
C LEU A 432 20.57 1.91 -26.40
N GLU A 433 21.61 1.60 -27.18
CA GLU A 433 21.56 0.62 -28.27
C GLU A 433 21.32 -0.78 -27.68
N LYS A 434 20.68 -1.64 -28.48
CA LYS A 434 20.40 -3.03 -28.09
C LYS A 434 21.56 -3.96 -28.46
N GLU A 435 22.33 -3.59 -29.49
CA GLU A 435 23.45 -4.40 -29.98
C GLU A 435 24.76 -3.59 -30.07
N PRO A 436 25.96 -4.22 -29.92
CA PRO A 436 27.23 -3.46 -30.04
C PRO A 436 27.38 -2.81 -31.41
N ILE A 437 27.92 -1.60 -31.42
CA ILE A 437 28.11 -0.76 -32.61
C ILE A 437 29.36 -1.18 -33.38
N VAL A 438 29.22 -1.29 -34.72
CA VAL A 438 30.32 -1.64 -35.63
C VAL A 438 31.03 -0.34 -36.00
N GLY A 439 32.35 -0.35 -35.94
CA GLY A 439 33.18 0.80 -36.30
C GLY A 439 33.19 1.92 -35.27
N ALA A 440 32.93 1.53 -34.00
CA ALA A 440 32.93 2.38 -32.81
C ALA A 440 33.94 1.78 -31.81
N GLU A 441 34.68 2.67 -31.13
CA GLU A 441 35.70 2.29 -30.15
C GLU A 441 35.04 1.70 -28.92
N THR A 442 35.55 0.54 -28.44
CA THR A 442 35.11 -0.15 -27.24
C THR A 442 35.98 0.29 -26.06
N PHE A 443 35.35 0.94 -25.05
CA PHE A 443 36.01 1.40 -23.83
C PHE A 443 35.74 0.41 -22.70
N TYR A 444 36.80 -0.14 -22.12
CA TYR A 444 36.68 -1.01 -20.97
C TYR A 444 36.98 -0.11 -19.78
N VAL A 445 35.97 0.08 -18.91
CA VAL A 445 36.07 1.00 -17.78
C VAL A 445 36.15 0.26 -16.46
N ASP A 446 36.73 0.93 -15.46
CA ASP A 446 36.83 0.43 -14.11
C ASP A 446 37.16 1.53 -13.15
N GLY A 447 36.74 1.32 -11.94
CA GLY A 447 36.97 2.18 -10.80
C GLY A 447 37.36 1.31 -9.63
N ALA A 448 38.22 1.83 -8.75
CA ALA A 448 38.69 1.18 -7.52
C ALA A 448 38.89 2.26 -6.46
N ALA A 449 38.47 1.99 -5.23
CA ALA A 449 38.63 2.94 -4.15
C ALA A 449 39.08 2.22 -2.88
N ASN A 450 40.11 2.79 -2.21
CA ASN A 450 40.67 2.30 -0.96
C ASN A 450 39.74 2.70 0.18
N ARG A 451 39.28 1.70 0.95
CA ARG A 451 38.36 1.89 2.06
C ARG A 451 38.94 2.63 3.28
N GLU A 452 40.27 2.61 3.46
CA GLU A 452 40.90 3.28 4.61
C GLU A 452 41.20 4.76 4.33
N THR A 453 41.82 5.03 3.19
CA THR A 453 42.25 6.36 2.76
C THR A 453 41.17 7.14 2.02
N LYS A 454 40.17 6.44 1.47
CA LYS A 454 39.08 6.98 0.64
C LYS A 454 39.56 7.51 -0.71
N LEU A 455 40.81 7.21 -1.05
CA LEU A 455 41.44 7.56 -2.32
C LEU A 455 41.05 6.52 -3.34
N GLY A 456 40.78 6.98 -4.56
CA GLY A 456 40.40 6.08 -5.63
C GLY A 456 40.95 6.45 -6.98
N LYS A 457 40.71 5.58 -7.95
CA LYS A 457 41.11 5.74 -9.33
C LYS A 457 39.96 5.33 -10.26
N ALA A 458 39.82 6.06 -11.36
CA ALA A 458 38.85 5.81 -12.41
C ALA A 458 39.64 5.81 -13.71
N GLY A 459 39.33 4.87 -14.60
CA GLY A 459 40.01 4.82 -15.87
C GLY A 459 39.38 3.97 -16.94
N TYR A 460 40.06 3.90 -18.09
CA TYR A 460 39.67 3.12 -19.25
C TYR A 460 40.84 2.65 -20.10
N VAL A 461 40.73 1.45 -20.69
CA VAL A 461 41.60 0.91 -21.74
C VAL A 461 40.66 0.64 -22.93
N THR A 462 41.09 0.97 -24.17
CA THR A 462 40.27 0.75 -25.36
C THR A 462 40.86 -0.35 -26.29
N ASN A 463 40.07 -0.80 -27.30
CA ASN A 463 40.53 -1.80 -28.27
C ASN A 463 41.50 -1.14 -29.27
N ARG A 464 41.47 0.21 -29.36
CA ARG A 464 42.27 1.10 -30.19
C ARG A 464 43.55 1.53 -29.45
N GLY A 465 43.89 0.79 -28.38
CA GLY A 465 45.06 1.01 -27.53
C GLY A 465 45.12 2.26 -26.66
N ARG A 466 44.03 3.06 -26.65
CA ARG A 466 43.94 4.26 -25.82
C ARG A 466 43.83 3.90 -24.33
N GLN A 467 44.16 4.88 -23.45
CA GLN A 467 44.24 4.66 -22.00
C GLN A 467 44.18 5.98 -21.26
N LYS A 468 43.69 5.95 -20.01
CA LYS A 468 43.59 7.10 -19.09
C LYS A 468 43.32 6.58 -17.67
N VAL A 469 43.82 7.30 -16.67
CA VAL A 469 43.67 7.01 -15.25
C VAL A 469 43.63 8.35 -14.55
N VAL A 470 42.61 8.57 -13.75
CA VAL A 470 42.44 9.80 -12.99
C VAL A 470 42.34 9.40 -11.50
N THR A 471 43.02 10.15 -10.60
CA THR A 471 42.96 9.89 -9.16
C THR A 471 41.85 10.76 -8.56
N LEU A 472 41.12 10.21 -7.57
CA LEU A 472 40.00 10.85 -6.86
C LEU A 472 40.26 10.78 -5.34
N THR A 473 39.79 11.80 -4.56
CA THR A 473 40.16 11.92 -3.14
C THR A 473 39.24 11.41 -2.01
N ASP A 474 38.00 11.87 -1.90
CA ASP A 474 37.13 11.32 -0.85
C ASP A 474 36.03 10.64 -1.64
N THR A 475 36.36 9.42 -2.07
CA THR A 475 35.53 8.66 -2.96
C THR A 475 35.10 7.29 -2.41
N THR A 476 34.27 6.59 -3.19
CA THR A 476 33.73 5.27 -2.91
C THR A 476 33.88 4.47 -4.20
N ASN A 477 33.82 3.12 -4.12
CA ASN A 477 33.89 2.26 -5.30
C ASN A 477 32.80 2.65 -6.32
N GLN A 478 31.58 2.93 -5.83
CA GLN A 478 30.46 3.30 -6.67
C GLN A 478 30.71 4.58 -7.42
N LYS A 479 31.24 5.61 -6.74
CA LYS A 479 31.61 6.90 -7.33
C LYS A 479 32.71 6.76 -8.40
N THR A 480 33.75 5.92 -8.16
CA THR A 480 34.86 5.67 -9.11
C THR A 480 34.35 4.99 -10.41
N GLU A 481 33.40 4.03 -10.26
CA GLU A 481 32.79 3.29 -11.36
C GLU A 481 31.94 4.21 -12.26
N LEU A 482 31.23 5.16 -11.66
CA LEU A 482 30.42 6.17 -12.37
C LEU A 482 31.38 7.19 -13.06
N GLN A 483 32.48 7.56 -12.36
CA GLN A 483 33.52 8.46 -12.83
C GLN A 483 34.22 7.87 -14.06
N ALA A 484 34.49 6.57 -14.02
CA ALA A 484 35.08 5.80 -15.13
C ALA A 484 34.18 5.85 -16.36
N ILE A 485 32.84 5.78 -16.19
CA ILE A 485 31.85 5.87 -17.30
C ILE A 485 31.88 7.29 -17.89
N TYR A 486 31.95 8.30 -17.02
CA TYR A 486 32.03 9.70 -17.42
C TYR A 486 33.29 9.99 -18.29
N LEU A 487 34.47 9.46 -17.88
CA LEU A 487 35.74 9.56 -18.61
C LEU A 487 35.57 9.06 -20.04
N ALA A 488 35.08 7.82 -20.18
CA ALA A 488 34.80 7.14 -21.46
C ALA A 488 33.90 7.95 -22.37
N LEU A 489 32.82 8.53 -21.80
CA LEU A 489 31.87 9.39 -22.49
C LEU A 489 32.52 10.71 -22.93
N GLN A 490 33.40 11.28 -22.08
CA GLN A 490 34.09 12.54 -22.36
C GLN A 490 35.11 12.46 -23.53
N ASP A 491 35.82 11.32 -23.66
CA ASP A 491 36.88 11.08 -24.64
C ASP A 491 36.49 10.19 -25.83
N SER A 492 35.20 9.99 -26.09
CA SER A 492 34.84 9.07 -27.16
C SER A 492 34.26 9.62 -28.45
N GLY A 493 33.52 10.71 -28.36
CA GLY A 493 32.83 11.17 -29.56
C GLY A 493 31.56 10.37 -29.83
N LEU A 494 30.77 10.83 -30.81
CA LEU A 494 29.44 10.38 -31.23
C LEU A 494 28.98 8.91 -31.08
N GLU A 495 29.84 7.89 -31.31
CA GLU A 495 29.44 6.48 -31.13
C GLU A 495 30.37 5.70 -30.17
N VAL A 496 29.82 4.97 -29.16
CA VAL A 496 30.63 4.24 -28.13
C VAL A 496 30.07 2.95 -27.68
N ASN A 497 30.96 2.01 -27.36
CA ASN A 497 30.62 0.75 -26.73
C ASN A 497 31.38 0.81 -25.41
N ILE A 498 30.66 0.71 -24.26
CA ILE A 498 31.31 0.78 -22.95
C ILE A 498 31.12 -0.54 -22.21
N VAL A 499 32.19 -1.09 -21.65
CA VAL A 499 32.08 -2.32 -20.87
C VAL A 499 32.58 -2.13 -19.45
N THR A 500 31.62 -2.23 -18.51
CA THR A 500 31.81 -2.06 -17.08
C THR A 500 31.56 -3.38 -16.38
N ASP A 501 32.06 -3.50 -15.15
CA ASP A 501 31.79 -4.67 -14.32
C ASP A 501 30.80 -4.24 -13.22
N SER A 502 30.35 -2.98 -13.28
CA SER A 502 29.41 -2.39 -12.31
C SER A 502 27.92 -2.49 -12.68
N GLN A 503 27.19 -3.33 -11.96
CA GLN A 503 25.73 -3.51 -12.10
C GLN A 503 25.01 -2.24 -11.64
N TYR A 504 25.54 -1.61 -10.58
CA TYR A 504 25.05 -0.38 -10.03
C TYR A 504 24.98 0.71 -11.10
N ALA A 505 26.08 0.93 -11.83
CA ALA A 505 26.18 1.93 -12.90
C ALA A 505 25.26 1.58 -14.07
N LEU A 506 25.29 0.30 -14.48
CA LEU A 506 24.49 -0.28 -15.56
C LEU A 506 23.03 0.00 -15.25
N GLY A 507 22.61 -0.36 -14.02
CA GLY A 507 21.28 -0.16 -13.48
C GLY A 507 20.77 1.26 -13.59
N ILE A 508 21.57 2.25 -13.16
CA ILE A 508 21.20 3.66 -13.23
C ILE A 508 20.98 4.12 -14.66
N ILE A 509 21.94 3.86 -15.57
CA ILE A 509 21.90 4.29 -16.97
C ILE A 509 20.82 3.62 -17.79
N GLN A 510 20.56 2.34 -17.52
CA GLN A 510 19.52 1.59 -18.23
C GLN A 510 18.11 2.15 -18.05
N ALA A 511 17.82 2.72 -16.85
CA ALA A 511 16.51 3.29 -16.50
C ALA A 511 16.25 4.66 -17.14
N GLN A 512 17.19 5.09 -18.00
CA GLN A 512 17.14 6.35 -18.77
C GLN A 512 16.85 7.57 -17.90
N PRO A 513 17.64 7.81 -16.81
CA PRO A 513 17.38 9.01 -16.00
C PRO A 513 17.65 10.29 -16.77
N ASP A 514 16.93 11.37 -16.42
CA ASP A 514 17.14 12.70 -17.00
C ASP A 514 17.45 13.71 -15.87
N GLN A 515 17.32 13.26 -14.61
CA GLN A 515 17.55 14.08 -13.42
C GLN A 515 18.07 13.23 -12.27
N SER A 516 18.99 13.81 -11.50
CA SER A 516 19.64 13.11 -10.39
C SER A 516 20.00 14.01 -9.24
N GLU A 517 20.11 13.38 -8.06
CA GLU A 517 20.56 14.01 -6.82
C GLU A 517 22.11 14.08 -6.84
N SER A 518 22.74 13.26 -7.72
CA SER A 518 24.19 13.19 -7.95
C SER A 518 24.58 14.06 -9.15
N GLU A 519 25.52 15.00 -8.94
CA GLU A 519 26.02 15.88 -10.01
C GLU A 519 26.79 15.09 -11.08
N LEU A 520 27.47 14.01 -10.65
CA LEU A 520 28.22 13.10 -11.51
C LEU A 520 27.27 12.38 -12.50
N VAL A 521 26.11 11.91 -11.99
CA VAL A 521 25.07 11.24 -12.78
C VAL A 521 24.47 12.26 -13.79
N ASN A 522 24.29 13.53 -13.36
CA ASN A 522 23.82 14.62 -14.24
C ASN A 522 24.82 14.92 -15.35
N GLN A 523 26.14 14.76 -15.07
CA GLN A 523 27.20 14.97 -16.06
C GLN A 523 27.20 13.83 -17.05
N ILE A 524 26.94 12.60 -16.56
CA ILE A 524 26.80 11.40 -17.40
C ILE A 524 25.59 11.60 -18.34
N ILE A 525 24.47 12.09 -17.80
CA ILE A 525 23.24 12.37 -18.54
C ILE A 525 23.47 13.37 -19.68
N GLU A 526 24.05 14.54 -19.36
CA GLU A 526 24.36 15.58 -20.35
C GLU A 526 25.27 15.06 -21.48
N GLN A 527 26.08 14.03 -21.22
CA GLN A 527 26.93 13.38 -22.20
C GLN A 527 26.13 12.42 -23.09
N LEU A 528 25.29 11.53 -22.47
CA LEU A 528 24.50 10.51 -23.18
C LEU A 528 23.54 11.09 -24.22
N ILE A 529 22.96 12.26 -23.89
CA ILE A 529 22.06 13.04 -24.72
C ILE A 529 22.81 13.50 -26.00
N LYS A 530 24.04 14.03 -25.83
CA LYS A 530 24.91 14.51 -26.93
C LYS A 530 25.32 13.40 -27.89
N LYS A 531 25.47 12.18 -27.37
CA LYS A 531 25.88 11.03 -28.17
C LYS A 531 24.84 10.60 -29.19
N GLU A 532 25.31 9.99 -30.28
CA GLU A 532 24.47 9.50 -31.37
C GLU A 532 24.02 8.09 -31.02
N LYS A 533 24.97 7.25 -30.60
CA LYS A 533 24.73 5.85 -30.24
C LYS A 533 25.64 5.46 -29.10
N VAL A 534 25.07 4.84 -28.05
CA VAL A 534 25.81 4.31 -26.91
C VAL A 534 25.30 2.91 -26.64
N TYR A 535 26.22 1.94 -26.57
CA TYR A 535 25.93 0.56 -26.20
C TYR A 535 26.72 0.29 -24.89
N LEU A 536 26.03 -0.13 -23.86
CA LEU A 536 26.65 -0.34 -22.54
C LEU A 536 26.47 -1.79 -22.19
N ALA A 537 27.56 -2.46 -21.82
CA ALA A 537 27.53 -3.88 -21.51
C ALA A 537 28.20 -4.14 -20.20
N TRP A 538 27.89 -5.29 -19.60
CA TRP A 538 28.42 -5.73 -18.31
C TRP A 538 29.18 -7.07 -18.40
N VAL A 539 30.25 -7.20 -17.59
CA VAL A 539 31.00 -8.45 -17.44
C VAL A 539 31.28 -8.72 -15.96
N PRO A 540 31.35 -9.98 -15.48
CA PRO A 540 31.74 -10.19 -14.08
C PRO A 540 33.18 -9.73 -13.82
N ALA A 541 33.41 -9.08 -12.67
CA ALA A 541 34.73 -8.57 -12.26
C ALA A 541 35.67 -9.68 -11.74
N HIS A 542 36.99 -9.46 -11.85
CA HIS A 542 38.08 -10.34 -11.39
C HIS A 542 38.02 -11.78 -11.90
N LYS A 543 37.53 -11.99 -13.14
CA LYS A 543 37.43 -13.33 -13.75
C LYS A 543 38.47 -13.50 -14.85
N GLY A 544 39.27 -12.45 -15.06
CA GLY A 544 40.33 -12.40 -16.06
C GLY A 544 39.78 -12.12 -17.45
N ILE A 545 38.59 -11.51 -17.53
CA ILE A 545 37.96 -11.18 -18.80
C ILE A 545 38.73 -10.05 -19.53
N GLY A 546 38.92 -10.27 -20.83
CA GLY A 546 39.55 -9.41 -21.82
C GLY A 546 40.13 -8.08 -21.37
N GLY A 547 39.51 -7.00 -21.81
CA GLY A 547 39.92 -5.64 -21.49
C GLY A 547 39.70 -5.23 -20.04
N ASN A 548 38.76 -5.91 -19.35
CA ASN A 548 38.39 -5.67 -17.96
C ASN A 548 39.57 -5.91 -17.01
N GLU A 549 40.33 -7.01 -17.23
CA GLU A 549 41.50 -7.37 -16.44
C GLU A 549 42.57 -6.25 -16.57
N GLN A 550 42.66 -5.63 -17.76
CA GLN A 550 43.59 -4.54 -18.07
C GLN A 550 43.27 -3.21 -17.38
N VAL A 551 41.97 -2.82 -17.25
CA VAL A 551 41.61 -1.59 -16.53
C VAL A 551 41.75 -1.81 -15.05
N ASP A 552 41.45 -3.06 -14.62
CA ASP A 552 41.51 -3.48 -13.23
C ASP A 552 42.91 -3.25 -12.66
N LYS A 553 43.97 -3.72 -13.38
CA LYS A 553 45.38 -3.52 -12.99
C LYS A 553 45.76 -2.04 -12.94
N LEU A 554 45.28 -1.29 -13.93
CA LEU A 554 45.51 0.14 -14.09
C LEU A 554 44.94 1.00 -12.93
N VAL A 555 43.67 0.76 -12.55
CA VAL A 555 42.96 1.50 -11.48
C VAL A 555 43.32 0.97 -10.07
N SER A 556 43.75 -0.31 -9.98
CA SER A 556 44.11 -0.98 -8.72
C SER A 556 45.48 -0.53 -8.21
N ALA A 557 46.39 -0.11 -9.13
CA ALA A 557 47.75 0.32 -8.83
C ALA A 557 47.74 1.49 -7.82
N GLY A 558 48.28 1.22 -6.62
CA GLY A 558 48.33 2.19 -5.53
C GLY A 558 47.03 2.32 -4.75
N ILE A 559 46.04 1.47 -5.06
CA ILE A 559 44.71 1.46 -4.44
C ILE A 559 44.38 0.09 -3.81
N ARG A 560 44.29 -0.98 -4.64
CA ARG A 560 43.94 -2.34 -4.21
C ARG A 560 44.80 -3.42 -4.88
N GLU B 9 -20.84 -27.38 19.30
CA GLU B 9 -19.73 -27.09 20.19
C GLU B 9 -18.48 -26.53 19.47
N THR B 10 -18.20 -25.22 19.68
CA THR B 10 -17.10 -24.47 19.05
C THR B 10 -15.74 -24.87 19.60
N VAL B 11 -14.75 -25.05 18.71
CA VAL B 11 -13.39 -25.35 19.16
C VAL B 11 -12.73 -24.03 19.63
N PRO B 12 -12.15 -23.98 20.86
CA PRO B 12 -11.56 -22.71 21.32
C PRO B 12 -10.30 -22.37 20.54
N VAL B 13 -10.16 -21.11 20.14
CA VAL B 13 -9.03 -20.63 19.35
C VAL B 13 -8.20 -19.66 20.19
N LYS B 14 -6.93 -19.98 20.39
CA LYS B 14 -5.99 -19.15 21.16
C LYS B 14 -4.91 -18.55 20.26
N LEU B 15 -4.71 -17.22 20.37
CA LEU B 15 -3.73 -16.45 19.61
C LEU B 15 -2.30 -16.79 20.07
N LYS B 16 -1.31 -16.53 19.20
CA LYS B 16 0.11 -16.76 19.51
C LYS B 16 0.54 -15.77 20.64
N PRO B 17 1.03 -16.26 21.82
CA PRO B 17 1.33 -15.35 22.94
C PRO B 17 2.25 -14.16 22.67
N GLY B 18 1.97 -13.06 23.36
CA GLY B 18 2.72 -11.82 23.22
C GLY B 18 2.16 -10.89 22.15
N MET B 19 1.51 -11.47 21.11
CA MET B 19 0.90 -10.72 20.01
C MET B 19 -0.62 -10.74 20.07
N ASP B 20 -1.26 -9.59 19.79
CA ASP B 20 -2.71 -9.57 19.77
C ASP B 20 -3.29 -9.48 18.36
N GLY B 21 -4.59 -9.26 18.24
CA GLY B 21 -5.33 -9.23 16.98
C GLY B 21 -4.85 -8.27 15.91
N PRO B 22 -5.36 -8.44 14.66
CA PRO B 22 -4.92 -7.57 13.56
C PRO B 22 -5.56 -6.20 13.56
N LYS B 23 -4.79 -5.16 13.20
CA LYS B 23 -5.26 -3.76 13.14
C LYS B 23 -4.75 -3.22 11.83
N VAL B 24 -5.36 -3.72 10.74
CA VAL B 24 -4.96 -3.41 9.38
C VAL B 24 -6.01 -2.50 8.77
N LYS B 25 -5.53 -1.37 8.25
CA LYS B 25 -6.31 -0.34 7.59
C LYS B 25 -7.06 -0.90 6.34
N GLN B 26 -8.29 -0.43 6.14
CA GLN B 26 -9.10 -0.73 4.98
C GLN B 26 -8.64 0.19 3.84
N TRP B 27 -8.39 -0.42 2.68
CA TRP B 27 -8.03 0.22 1.44
C TRP B 27 -9.23 0.93 0.83
N PRO B 28 -9.06 2.11 0.15
CA PRO B 28 -10.19 2.73 -0.55
C PRO B 28 -10.75 1.78 -1.61
N LEU B 29 -12.05 1.75 -1.71
CA LEU B 29 -12.78 0.87 -2.63
C LEU B 29 -13.62 1.76 -3.55
N THR B 30 -13.89 1.29 -4.78
CA THR B 30 -14.75 2.01 -5.72
C THR B 30 -16.20 1.85 -5.28
N GLU B 31 -17.09 2.69 -5.84
CA GLU B 31 -18.53 2.66 -5.58
C GLU B 31 -19.14 1.29 -5.89
N GLU B 32 -18.82 0.69 -7.06
CA GLU B 32 -19.37 -0.61 -7.45
C GLU B 32 -19.01 -1.76 -6.46
N LYS B 33 -17.80 -1.72 -5.89
CA LYS B 33 -17.32 -2.73 -4.96
C LYS B 33 -17.96 -2.57 -3.59
N ILE B 34 -18.10 -1.33 -3.13
CA ILE B 34 -18.74 -0.97 -1.87
C ILE B 34 -20.21 -1.48 -1.89
N LYS B 35 -20.99 -1.09 -2.92
CA LYS B 35 -22.40 -1.49 -3.14
C LYS B 35 -22.54 -2.99 -3.22
N ALA B 36 -21.62 -3.64 -3.92
CA ALA B 36 -21.59 -5.10 -3.99
C ALA B 36 -21.38 -5.69 -2.60
N LEU B 37 -20.48 -5.11 -1.79
CA LEU B 37 -20.18 -5.62 -0.44
C LEU B 37 -21.34 -5.36 0.55
N VAL B 38 -22.01 -4.22 0.45
CA VAL B 38 -23.13 -3.84 1.30
C VAL B 38 -24.28 -4.84 1.07
N GLU B 39 -24.51 -5.22 -0.21
CA GLU B 39 -25.51 -6.22 -0.61
C GLU B 39 -25.19 -7.58 -0.05
N ILE B 40 -23.91 -8.03 -0.16
CA ILE B 40 -23.46 -9.33 0.36
C ILE B 40 -23.63 -9.41 1.88
N CYS B 41 -23.15 -8.38 2.57
CA CYS B 41 -23.12 -8.29 4.01
C CYS B 41 -24.49 -8.14 4.66
N THR B 42 -25.43 -7.45 4.00
CA THR B 42 -26.82 -7.33 4.46
C THR B 42 -27.42 -8.74 4.50
N GLU B 43 -27.11 -9.55 3.47
CA GLU B 43 -27.56 -10.92 3.29
C GLU B 43 -26.96 -11.88 4.32
N MET B 44 -25.65 -11.80 4.59
CA MET B 44 -24.95 -12.67 5.56
C MET B 44 -25.42 -12.41 7.01
N GLU B 45 -25.75 -11.18 7.30
CA GLU B 45 -26.22 -10.70 8.59
C GLU B 45 -27.60 -11.32 8.90
N LYS B 46 -28.55 -11.24 7.92
CA LYS B 46 -29.91 -11.82 8.01
C LYS B 46 -29.79 -13.31 8.33
N GLU B 47 -28.77 -13.96 7.71
CA GLU B 47 -28.45 -15.38 7.87
C GLU B 47 -27.65 -15.67 9.14
N GLY B 48 -27.30 -14.64 9.93
CA GLY B 48 -26.55 -14.79 11.17
C GLY B 48 -25.09 -15.18 11.02
N LYS B 49 -24.54 -15.09 9.80
CA LYS B 49 -23.12 -15.45 9.56
C LYS B 49 -22.16 -14.41 10.16
N ILE B 50 -22.60 -13.13 10.19
CA ILE B 50 -21.86 -11.97 10.68
C ILE B 50 -22.78 -11.07 11.53
N SER B 51 -22.17 -10.21 12.37
CA SER B 51 -22.96 -9.27 13.19
C SER B 51 -22.32 -7.91 13.20
N LYS B 52 -23.14 -6.85 13.23
CA LYS B 52 -22.66 -5.48 13.35
C LYS B 52 -21.99 -5.33 14.70
N ILE B 53 -20.87 -4.61 14.75
CA ILE B 53 -20.11 -4.46 15.97
C ILE B 53 -19.92 -3.02 16.43
N GLY B 54 -19.65 -2.88 17.74
CA GLY B 54 -19.40 -1.62 18.43
C GLY B 54 -17.97 -1.14 18.31
N PRO B 55 -17.64 0.05 18.87
CA PRO B 55 -16.29 0.60 18.71
C PRO B 55 -15.26 0.00 19.65
N GLU B 56 -15.77 -0.74 20.65
CA GLU B 56 -15.00 -1.47 21.64
C GLU B 56 -14.30 -2.65 20.98
N ASN B 57 -14.50 -2.83 19.66
CA ASN B 57 -13.73 -3.83 18.90
C ASN B 57 -12.66 -2.99 18.14
N PRO B 58 -11.40 -2.99 18.63
CA PRO B 58 -10.36 -2.17 17.97
C PRO B 58 -9.68 -2.84 16.76
N TYR B 59 -10.05 -4.08 16.45
CA TYR B 59 -9.47 -4.90 15.39
C TYR B 59 -10.01 -4.61 14.01
N ASN B 60 -9.19 -4.91 13.00
CA ASN B 60 -9.53 -4.74 11.59
C ASN B 60 -8.67 -5.56 10.66
N THR B 61 -9.34 -6.09 9.63
CA THR B 61 -8.82 -6.90 8.54
C THR B 61 -9.38 -6.27 7.25
N PRO B 62 -8.58 -6.05 6.17
CA PRO B 62 -9.17 -5.43 4.96
C PRO B 62 -10.16 -6.36 4.28
N VAL B 63 -11.08 -5.78 3.51
CA VAL B 63 -12.07 -6.51 2.74
C VAL B 63 -12.09 -5.97 1.30
N PHE B 64 -12.26 -6.86 0.33
CA PHE B 64 -12.29 -6.47 -1.10
C PHE B 64 -13.41 -7.21 -1.79
N ALA B 65 -13.78 -6.78 -3.01
CA ALA B 65 -14.75 -7.45 -3.88
C ALA B 65 -14.03 -7.88 -5.16
N ILE B 66 -14.26 -9.14 -5.61
CA ILE B 66 -13.70 -9.77 -6.81
C ILE B 66 -14.80 -10.47 -7.59
N LYS B 67 -14.51 -10.92 -8.84
CA LYS B 67 -15.44 -11.69 -9.67
C LYS B 67 -14.99 -13.14 -9.83
N THR B 72 -19.15 -13.69 -13.25
CA THR B 72 -19.89 -12.42 -13.36
C THR B 72 -20.45 -11.94 -12.00
N LYS B 73 -20.67 -12.89 -11.06
CA LYS B 73 -21.17 -12.58 -9.73
C LYS B 73 -20.05 -11.97 -8.87
N TRP B 74 -20.35 -10.88 -8.14
CA TRP B 74 -19.41 -10.25 -7.21
C TRP B 74 -19.23 -11.13 -5.99
N ARG B 75 -18.02 -11.32 -5.54
CA ARG B 75 -17.80 -12.10 -4.32
C ARG B 75 -16.91 -11.36 -3.31
N LYS B 76 -17.13 -11.62 -2.02
CA LYS B 76 -16.38 -10.97 -0.96
C LYS B 76 -15.08 -11.70 -0.73
N LEU B 77 -14.02 -10.92 -0.64
CA LEU B 77 -12.71 -11.45 -0.34
C LEU B 77 -12.17 -10.74 0.90
N VAL B 78 -12.00 -11.49 1.97
CA VAL B 78 -11.45 -10.94 3.20
C VAL B 78 -9.96 -11.30 3.25
N ASP B 79 -9.10 -10.26 3.41
CA ASP B 79 -7.66 -10.43 3.54
C ASP B 79 -7.24 -10.79 4.96
N PHE B 80 -7.21 -12.11 5.26
CA PHE B 80 -6.82 -12.59 6.59
C PHE B 80 -5.31 -12.83 6.79
N ARG B 81 -4.44 -12.34 5.88
CA ARG B 81 -2.99 -12.50 5.95
C ARG B 81 -2.39 -12.24 7.34
N GLU B 82 -2.75 -11.13 7.98
CA GLU B 82 -2.28 -10.77 9.31
C GLU B 82 -2.84 -11.72 10.41
N LEU B 83 -4.18 -11.96 10.43
CA LEU B 83 -4.84 -12.89 11.37
C LEU B 83 -4.21 -14.29 11.26
N ASN B 84 -3.96 -14.78 10.04
CA ASN B 84 -3.32 -16.07 9.75
C ASN B 84 -1.91 -16.19 10.38
N LYS B 85 -1.04 -15.16 10.22
CA LYS B 85 0.31 -15.07 10.83
C LYS B 85 0.19 -15.10 12.37
N ARG B 86 -0.87 -14.48 12.92
CA ARG B 86 -1.11 -14.38 14.36
C ARG B 86 -1.74 -15.62 15.00
N THR B 87 -2.20 -16.58 14.17
CA THR B 87 -2.84 -17.82 14.58
C THR B 87 -2.07 -19.06 14.06
N GLN B 88 -0.86 -18.85 13.51
CA GLN B 88 -0.03 -19.93 12.93
C GLN B 88 0.15 -21.18 13.84
N ASP B 89 0.18 -21.02 15.19
CA ASP B 89 0.33 -22.17 16.08
C ASP B 89 -0.90 -23.04 15.97
N PHE B 90 -2.09 -22.40 15.92
CA PHE B 90 -3.36 -23.10 15.81
C PHE B 90 -3.52 -23.96 14.50
N TRP B 91 -3.46 -23.33 13.31
CA TRP B 91 -3.68 -24.02 12.04
C TRP B 91 -2.51 -24.85 11.49
N GLU B 92 -1.27 -24.59 11.93
CA GLU B 92 -0.10 -25.29 11.40
C GLU B 92 0.40 -26.47 12.22
N VAL B 93 0.49 -26.30 13.54
CA VAL B 93 0.99 -27.31 14.46
C VAL B 93 -0.08 -27.97 15.31
N GLN B 94 -1.05 -27.18 15.84
CA GLN B 94 -2.14 -27.68 16.67
C GLN B 94 -3.13 -28.51 15.83
N LEU B 95 -3.59 -27.95 14.68
CA LEU B 95 -4.55 -28.59 13.77
C LEU B 95 -4.08 -28.64 12.30
N GLY B 96 -2.81 -28.98 12.09
CA GLY B 96 -2.21 -29.07 10.77
C GLY B 96 -2.88 -30.04 9.79
N ILE B 97 -2.87 -29.69 8.50
CA ILE B 97 -3.43 -30.51 7.42
C ILE B 97 -2.26 -31.09 6.63
N PRO B 98 -2.14 -32.43 6.69
CA PRO B 98 -1.02 -33.09 5.98
C PRO B 98 -1.12 -32.94 4.47
N HIS B 99 0.00 -32.58 3.84
CA HIS B 99 0.12 -32.39 2.40
C HIS B 99 0.62 -33.67 1.70
N PRO B 100 -0.14 -34.18 0.71
CA PRO B 100 0.29 -35.38 0.01
C PRO B 100 1.33 -35.09 -1.08
N ALA B 101 2.40 -35.88 -1.08
CA ALA B 101 3.48 -35.77 -2.06
C ALA B 101 3.05 -36.29 -3.44
N GLY B 102 1.99 -37.09 -3.47
CA GLY B 102 1.45 -37.70 -4.68
C GLY B 102 0.74 -36.73 -5.59
N LEU B 103 0.16 -35.65 -5.03
CA LEU B 103 -0.62 -34.67 -5.80
C LEU B 103 0.16 -34.10 -7.00
N LYS B 104 1.43 -33.73 -6.79
CA LYS B 104 2.28 -33.17 -7.85
C LYS B 104 2.62 -34.19 -8.94
N LYS B 105 2.40 -35.50 -8.66
CA LYS B 105 2.69 -36.60 -9.59
C LYS B 105 1.48 -37.03 -10.43
N ASN B 106 0.30 -36.38 -10.25
CA ASN B 106 -0.94 -36.73 -10.96
C ASN B 106 -1.09 -36.16 -12.33
N LYS B 107 -1.80 -36.87 -13.22
CA LYS B 107 -2.02 -36.39 -14.59
C LYS B 107 -2.95 -35.20 -14.58
N SER B 108 -4.02 -35.24 -13.76
CA SER B 108 -4.94 -34.14 -13.66
C SER B 108 -5.20 -33.82 -12.22
N VAL B 109 -5.33 -32.53 -11.91
CA VAL B 109 -5.69 -32.07 -10.56
C VAL B 109 -6.81 -31.06 -10.76
N THR B 110 -7.99 -31.34 -10.18
CA THR B 110 -9.12 -30.40 -10.26
C THR B 110 -9.21 -29.63 -8.96
N VAL B 111 -9.39 -28.31 -9.06
CA VAL B 111 -9.50 -27.39 -7.93
C VAL B 111 -10.99 -27.04 -7.73
N LEU B 112 -11.53 -27.34 -6.55
CA LEU B 112 -12.94 -27.05 -6.23
C LEU B 112 -13.08 -26.13 -5.06
N ASP B 113 -13.95 -25.13 -5.17
CA ASP B 113 -14.26 -24.18 -4.11
C ASP B 113 -15.23 -24.82 -3.13
N VAL B 114 -14.80 -24.87 -1.88
CA VAL B 114 -15.50 -25.56 -0.81
C VAL B 114 -15.78 -24.62 0.39
N GLY B 115 -15.54 -23.32 0.20
CA GLY B 115 -15.71 -22.24 1.18
C GLY B 115 -17.09 -22.09 1.81
N ASP B 116 -18.16 -22.44 1.08
CA ASP B 116 -19.54 -22.39 1.58
C ASP B 116 -19.79 -23.36 2.75
N ALA B 117 -18.92 -24.37 2.91
CA ALA B 117 -19.00 -25.36 3.97
C ALA B 117 -18.80 -24.74 5.34
N TYR B 118 -17.84 -23.79 5.42
CA TYR B 118 -17.45 -23.11 6.67
C TYR B 118 -18.56 -22.34 7.37
N PHE B 119 -19.51 -21.77 6.62
CA PHE B 119 -20.62 -20.98 7.18
C PHE B 119 -21.59 -21.75 8.09
N SER B 120 -21.47 -23.08 8.14
CA SER B 120 -22.33 -23.94 8.95
C SER B 120 -21.69 -24.28 10.28
N VAL B 121 -20.43 -23.88 10.47
CA VAL B 121 -19.70 -24.15 11.69
C VAL B 121 -19.53 -22.85 12.51
N PRO B 122 -20.13 -22.75 13.72
CA PRO B 122 -20.01 -21.50 14.49
C PRO B 122 -18.59 -21.24 14.96
N LEU B 123 -18.20 -19.96 15.00
CA LEU B 123 -16.87 -19.55 15.45
C LEU B 123 -16.91 -19.39 16.97
N ASP B 124 -15.82 -19.77 17.66
CA ASP B 124 -15.66 -19.59 19.11
C ASP B 124 -15.88 -18.12 19.45
N GLU B 125 -16.81 -17.87 20.41
CA GLU B 125 -17.25 -16.57 20.90
C GLU B 125 -16.13 -15.61 21.26
N ASP B 126 -15.09 -16.12 21.91
CA ASP B 126 -13.94 -15.34 22.34
C ASP B 126 -12.87 -15.12 21.25
N PHE B 127 -13.14 -15.60 20.02
CA PHE B 127 -12.26 -15.40 18.88
C PHE B 127 -12.90 -14.45 17.85
N ARG B 128 -14.24 -14.36 17.82
CA ARG B 128 -15.00 -13.58 16.86
C ARG B 128 -14.51 -12.14 16.66
N LYS B 129 -14.10 -11.47 17.74
CA LYS B 129 -13.66 -10.07 17.71
C LYS B 129 -12.49 -9.82 16.75
N TYR B 130 -11.66 -10.84 16.53
CA TYR B 130 -10.47 -10.80 15.69
C TYR B 130 -10.75 -10.87 14.17
N THR B 131 -11.99 -11.15 13.78
CA THR B 131 -12.51 -11.28 12.42
C THR B 131 -13.17 -9.99 11.92
N ALA B 132 -13.05 -8.92 12.73
CA ALA B 132 -13.58 -7.59 12.44
C ALA B 132 -13.10 -7.02 11.10
N PHE B 133 -14.03 -6.41 10.38
CA PHE B 133 -13.81 -5.79 9.09
C PHE B 133 -14.79 -4.64 8.90
N THR B 134 -14.42 -3.68 8.06
CA THR B 134 -15.16 -2.46 7.79
C THR B 134 -15.48 -2.34 6.31
N ILE B 135 -16.72 -1.93 5.98
CA ILE B 135 -17.09 -1.56 4.62
C ILE B 135 -16.95 -0.03 4.59
N PRO B 136 -16.02 0.53 3.79
CA PRO B 136 -15.86 1.99 3.77
C PRO B 136 -16.95 2.66 2.97
N SER B 137 -17.03 3.99 3.00
CA SER B 137 -17.97 4.79 2.20
C SER B 137 -17.17 5.78 1.39
N ILE B 138 -17.77 6.33 0.33
CA ILE B 138 -17.15 7.29 -0.56
C ILE B 138 -17.09 8.65 0.12
N ASN B 139 -15.93 9.33 0.02
CA ASN B 139 -15.69 10.66 0.58
C ASN B 139 -15.96 10.73 2.09
N ASN B 140 -15.87 9.58 2.75
CA ASN B 140 -16.08 9.46 4.20
C ASN B 140 -17.40 10.05 4.67
N GLU B 141 -18.52 9.80 3.93
CA GLU B 141 -19.87 10.32 4.29
C GLU B 141 -20.33 9.72 5.59
N THR B 142 -20.30 8.39 5.65
CA THR B 142 -20.70 7.69 6.84
C THR B 142 -19.49 7.04 7.44
N PRO B 143 -19.49 6.70 8.76
CA PRO B 143 -18.39 5.88 9.28
C PRO B 143 -18.56 4.51 8.59
N GLY B 144 -17.50 3.75 8.49
CA GLY B 144 -17.61 2.46 7.85
C GLY B 144 -18.64 1.56 8.50
N ILE B 145 -19.15 0.56 7.76
CA ILE B 145 -20.08 -0.42 8.32
C ILE B 145 -19.19 -1.51 8.86
N ARG B 146 -19.22 -1.72 10.19
CA ARG B 146 -18.38 -2.71 10.85
C ARG B 146 -19.11 -4.01 11.15
N TYR B 147 -18.43 -5.16 10.90
CA TYR B 147 -18.95 -6.50 11.18
C TYR B 147 -17.86 -7.36 11.72
N GLN B 148 -18.24 -8.47 12.37
CA GLN B 148 -17.37 -9.56 12.79
C GLN B 148 -18.09 -10.84 12.42
N TYR B 149 -17.36 -11.94 12.35
CA TYR B 149 -17.91 -13.24 11.98
C TYR B 149 -18.47 -14.00 13.16
N ASN B 150 -19.52 -14.81 12.89
CA ASN B 150 -20.13 -15.68 13.90
C ASN B 150 -19.86 -17.12 13.50
N VAL B 151 -19.36 -17.31 12.26
CA VAL B 151 -19.09 -18.63 11.70
C VAL B 151 -17.65 -18.67 11.16
N LEU B 152 -17.14 -19.87 10.86
CA LEU B 152 -15.80 -20.02 10.29
C LEU B 152 -15.71 -19.15 9.03
N PRO B 153 -14.80 -18.14 9.02
CA PRO B 153 -14.74 -17.26 7.84
C PRO B 153 -13.94 -17.87 6.69
N GLN B 154 -14.28 -17.49 5.46
CA GLN B 154 -13.49 -17.91 4.30
C GLN B 154 -12.23 -17.03 4.29
N GLY B 155 -11.08 -17.63 3.97
CA GLY B 155 -9.82 -16.89 3.93
C GLY B 155 -8.96 -17.05 5.16
N TRP B 156 -9.55 -17.45 6.31
CA TRP B 156 -8.82 -17.70 7.54
C TRP B 156 -8.36 -19.15 7.53
N LYS B 157 -7.06 -19.37 7.73
CA LYS B 157 -6.41 -20.68 7.74
C LYS B 157 -6.91 -21.60 8.86
N GLY B 158 -7.55 -21.02 9.88
CA GLY B 158 -8.14 -21.78 10.98
C GLY B 158 -9.44 -22.46 10.59
N SER B 159 -10.14 -21.97 9.55
CA SER B 159 -11.38 -22.54 9.07
C SER B 159 -11.20 -23.98 8.54
N PRO B 160 -10.30 -24.30 7.56
CA PRO B 160 -10.13 -25.72 7.16
C PRO B 160 -9.53 -26.59 8.28
N ALA B 161 -8.75 -25.97 9.19
CA ALA B 161 -8.14 -26.63 10.36
C ALA B 161 -9.27 -27.16 11.27
N ILE B 162 -10.26 -26.30 11.59
CA ILE B 162 -11.40 -26.69 12.41
C ILE B 162 -12.34 -27.67 11.65
N PHE B 163 -12.61 -27.39 10.35
CA PHE B 163 -13.50 -28.19 9.51
C PHE B 163 -12.94 -29.54 9.08
N GLN B 164 -11.64 -29.77 9.25
CA GLN B 164 -10.88 -30.98 8.92
C GLN B 164 -11.66 -32.29 9.17
N SER B 165 -12.15 -32.48 10.42
CA SER B 165 -12.91 -33.64 10.89
C SER B 165 -14.23 -33.87 10.12
N SER B 166 -14.94 -32.77 9.79
CA SER B 166 -16.19 -32.80 9.03
C SER B 166 -15.91 -33.11 7.56
N MET B 167 -14.78 -32.59 7.05
CA MET B 167 -14.36 -32.87 5.69
C MET B 167 -14.01 -34.36 5.52
N THR B 168 -13.29 -34.97 6.49
CA THR B 168 -12.90 -36.38 6.44
C THR B 168 -14.15 -37.27 6.35
N LYS B 169 -15.17 -36.97 7.20
CA LYS B 169 -16.45 -37.69 7.23
C LYS B 169 -17.23 -37.58 5.91
N ILE B 170 -17.26 -36.38 5.29
CA ILE B 170 -17.91 -36.11 4.01
C ILE B 170 -17.24 -36.92 2.87
N LEU B 171 -15.89 -36.96 2.82
CA LEU B 171 -15.10 -37.59 1.76
C LEU B 171 -14.84 -39.09 1.95
N GLU B 172 -15.18 -39.62 3.13
CA GLU B 172 -14.93 -41.02 3.52
C GLU B 172 -15.51 -42.08 2.55
N PRO B 173 -16.82 -42.06 2.14
CA PRO B 173 -17.30 -43.08 1.18
C PRO B 173 -16.58 -42.96 -0.17
N PHE B 174 -16.43 -41.72 -0.67
CA PHE B 174 -15.71 -41.43 -1.91
C PHE B 174 -14.26 -41.95 -1.90
N ARG B 175 -13.50 -41.73 -0.82
CA ARG B 175 -12.09 -42.14 -0.71
C ARG B 175 -11.98 -43.66 -0.65
N LYS B 176 -12.90 -44.32 0.07
CA LYS B 176 -12.97 -45.78 0.16
C LYS B 176 -13.21 -46.40 -1.24
N GLN B 177 -14.07 -45.77 -2.07
CA GLN B 177 -14.42 -46.28 -3.39
C GLN B 177 -13.39 -45.94 -4.45
N ASN B 178 -12.57 -44.89 -4.19
CA ASN B 178 -11.55 -44.42 -5.11
C ASN B 178 -10.21 -44.29 -4.36
N PRO B 179 -9.53 -45.43 -4.07
CA PRO B 179 -8.27 -45.39 -3.30
C PRO B 179 -7.09 -44.66 -3.95
N ASP B 180 -7.08 -44.53 -5.29
CA ASP B 180 -6.00 -43.88 -6.04
C ASP B 180 -6.27 -42.40 -6.42
N ILE B 181 -7.30 -41.80 -5.80
CA ILE B 181 -7.62 -40.39 -5.99
C ILE B 181 -7.10 -39.65 -4.76
N VAL B 182 -6.26 -38.64 -5.02
CA VAL B 182 -5.64 -37.79 -3.99
C VAL B 182 -6.54 -36.55 -3.80
N ILE B 183 -6.98 -36.32 -2.55
CA ILE B 183 -7.78 -35.17 -2.17
C ILE B 183 -7.01 -34.43 -1.09
N TYR B 184 -6.73 -33.14 -1.38
CA TYR B 184 -6.02 -32.22 -0.51
C TYR B 184 -6.84 -30.96 -0.33
N GLN B 185 -7.00 -30.56 0.91
CA GLN B 185 -7.70 -29.35 1.29
C GLN B 185 -6.67 -28.26 1.61
N TYR B 186 -6.73 -27.15 0.89
CA TYR B 186 -5.89 -26.00 1.16
C TYR B 186 -6.78 -24.77 1.14
N MET B 187 -6.93 -24.14 2.32
CA MET B 187 -7.79 -22.98 2.53
C MET B 187 -9.25 -23.24 2.11
N ASP B 188 -9.85 -22.47 1.19
CA ASP B 188 -11.25 -22.68 0.75
C ASP B 188 -11.39 -23.70 -0.39
N ASP B 189 -10.27 -24.31 -0.81
CA ASP B 189 -10.29 -25.23 -1.95
C ASP B 189 -9.92 -26.65 -1.66
N LEU B 190 -10.49 -27.54 -2.48
CA LEU B 190 -10.21 -28.98 -2.53
C LEU B 190 -9.45 -29.19 -3.85
N TYR B 191 -8.33 -29.89 -3.75
CA TYR B 191 -7.44 -30.25 -4.85
C TYR B 191 -7.62 -31.75 -5.01
N VAL B 192 -8.15 -32.16 -6.17
CA VAL B 192 -8.47 -33.57 -6.42
C VAL B 192 -7.69 -34.07 -7.60
N GLY B 193 -6.73 -34.96 -7.34
CA GLY B 193 -5.89 -35.52 -8.39
C GLY B 193 -6.08 -36.98 -8.75
N SER B 194 -5.89 -37.30 -10.02
CA SER B 194 -5.96 -38.72 -10.46
C SER B 194 -5.06 -38.90 -11.65
N ASP B 195 -4.76 -40.17 -11.97
CA ASP B 195 -3.98 -40.59 -13.14
C ASP B 195 -4.93 -41.18 -14.17
N LEU B 196 -6.25 -40.91 -14.02
CA LEU B 196 -7.30 -41.37 -14.91
C LEU B 196 -7.27 -40.64 -16.23
N GLU B 197 -7.92 -41.22 -17.22
CA GLU B 197 -8.08 -40.59 -18.52
C GLU B 197 -8.95 -39.34 -18.20
N ILE B 198 -8.81 -38.27 -18.98
CA ILE B 198 -9.52 -37.01 -18.75
C ILE B 198 -11.05 -37.13 -18.56
N GLY B 199 -11.71 -37.96 -19.34
CA GLY B 199 -13.15 -38.21 -19.25
C GLY B 199 -13.53 -38.87 -17.95
N GLN B 200 -12.81 -39.93 -17.56
CA GLN B 200 -13.01 -40.66 -16.31
C GLN B 200 -12.72 -39.72 -15.14
N HIS B 201 -11.63 -38.88 -15.24
CA HIS B 201 -11.29 -37.89 -14.21
C HIS B 201 -12.47 -36.94 -14.02
N ARG B 202 -12.96 -36.31 -15.10
CA ARG B 202 -14.09 -35.37 -15.07
C ARG B 202 -15.36 -36.02 -14.52
N THR B 203 -15.57 -37.33 -14.82
CA THR B 203 -16.66 -38.16 -14.32
C THR B 203 -16.56 -38.34 -12.79
N LYS B 204 -15.36 -38.59 -12.27
CA LYS B 204 -15.13 -38.75 -10.83
C LYS B 204 -15.31 -37.43 -10.05
N ILE B 205 -14.99 -36.28 -10.69
CA ILE B 205 -15.18 -34.94 -10.09
C ILE B 205 -16.69 -34.67 -9.88
N GLU B 206 -17.50 -34.98 -10.92
CA GLU B 206 -18.96 -34.88 -10.87
C GLU B 206 -19.55 -35.73 -9.73
N GLU B 207 -19.01 -36.95 -9.55
CA GLU B 207 -19.37 -37.89 -8.48
C GLU B 207 -19.09 -37.24 -7.11
N LEU B 208 -17.88 -36.68 -6.93
CA LEU B 208 -17.45 -35.99 -5.71
C LEU B 208 -18.37 -34.76 -5.41
N ARG B 209 -18.79 -34.00 -6.46
CA ARG B 209 -19.69 -32.85 -6.35
C ARG B 209 -21.04 -33.31 -5.80
N GLN B 210 -21.51 -34.51 -6.24
CA GLN B 210 -22.76 -35.11 -5.74
C GLN B 210 -22.63 -35.41 -4.24
N HIS B 211 -21.48 -35.96 -3.80
CA HIS B 211 -21.20 -36.20 -2.39
C HIS B 211 -21.20 -34.88 -1.62
N LEU B 212 -20.48 -33.85 -2.14
CA LEU B 212 -20.41 -32.53 -1.51
C LEU B 212 -21.80 -31.92 -1.42
N LEU B 213 -22.59 -32.05 -2.51
CA LEU B 213 -23.99 -31.57 -2.65
C LEU B 213 -24.98 -32.10 -1.56
N ARG B 214 -24.69 -33.26 -0.93
CA ARG B 214 -25.52 -33.84 0.13
C ARG B 214 -25.29 -33.21 1.50
N TRP B 215 -24.17 -32.47 1.64
CA TRP B 215 -23.79 -31.74 2.88
C TRP B 215 -23.87 -30.21 2.65
N GLY B 216 -24.46 -29.81 1.52
CA GLY B 216 -24.63 -28.42 1.12
C GLY B 216 -23.68 -27.99 0.03
N LEU B 217 -22.37 -27.96 0.34
CA LEU B 217 -21.24 -27.54 -0.49
C LEU B 217 -21.27 -27.89 -1.98
N THR B 218 -20.87 -26.91 -2.84
CA THR B 218 -20.83 -27.01 -4.31
C THR B 218 -19.38 -26.83 -4.80
N GLY B 234 -14.40 -28.18 -13.25
CA GLY B 234 -13.83 -26.97 -12.66
C GLY B 234 -12.46 -26.62 -13.20
N TYR B 235 -11.67 -25.87 -12.39
CA TYR B 235 -10.30 -25.42 -12.69
C TYR B 235 -9.35 -26.65 -12.73
N GLU B 236 -8.87 -27.01 -13.96
CA GLU B 236 -8.07 -28.20 -14.31
C GLU B 236 -6.56 -28.05 -14.59
N LEU B 237 -5.70 -28.62 -13.69
CA LEU B 237 -4.22 -28.61 -13.72
C LEU B 237 -3.65 -29.93 -14.20
N HIS B 238 -2.42 -29.88 -14.73
CA HIS B 238 -1.73 -31.08 -15.20
C HIS B 238 -0.30 -31.08 -14.64
N PRO B 239 -0.12 -31.45 -13.34
CA PRO B 239 1.22 -31.37 -12.72
C PRO B 239 2.30 -32.24 -13.32
N ASP B 240 1.92 -33.44 -13.83
CA ASP B 240 2.85 -34.37 -14.48
C ASP B 240 3.55 -33.71 -15.71
N LYS B 241 2.89 -32.69 -16.31
CA LYS B 241 3.36 -31.91 -17.47
C LYS B 241 4.12 -30.64 -17.04
N TRP B 242 4.32 -30.45 -15.71
CA TRP B 242 5.07 -29.30 -15.23
C TRP B 242 6.53 -29.65 -15.34
N THR B 243 7.26 -28.84 -16.11
CA THR B 243 8.70 -29.03 -16.33
C THR B 243 9.49 -27.75 -16.06
N VAL B 244 10.80 -27.92 -15.81
CA VAL B 244 11.77 -26.86 -15.52
C VAL B 244 11.90 -25.86 -16.65
N GLN B 245 12.38 -24.67 -16.32
CA GLN B 245 12.72 -23.63 -17.27
C GLN B 245 14.25 -23.61 -17.18
N PRO B 246 14.96 -24.44 -18.00
CA PRO B 246 16.43 -24.48 -17.89
C PRO B 246 17.06 -23.18 -18.35
N ILE B 247 18.21 -22.82 -17.72
CA ILE B 247 18.99 -21.65 -18.15
C ILE B 247 19.46 -22.06 -19.56
N VAL B 248 18.92 -21.38 -20.58
CA VAL B 248 19.23 -21.70 -21.97
C VAL B 248 20.50 -21.00 -22.42
N LEU B 249 21.42 -21.78 -22.97
CA LEU B 249 22.66 -21.24 -23.51
C LEU B 249 22.44 -21.19 -25.01
N PRO B 250 22.76 -20.05 -25.67
CA PRO B 250 22.52 -19.94 -27.12
C PRO B 250 23.26 -20.97 -27.97
N GLU B 251 22.70 -21.22 -29.15
CA GLU B 251 23.26 -22.05 -30.22
C GLU B 251 23.56 -21.04 -31.31
N LYS B 252 24.86 -20.81 -31.59
CA LYS B 252 25.29 -19.80 -32.56
C LYS B 252 26.22 -20.28 -33.67
N ASP B 253 26.01 -19.70 -34.86
CA ASP B 253 26.73 -19.92 -36.11
C ASP B 253 28.14 -19.33 -35.95
N SER B 254 28.22 -18.04 -35.59
CA SER B 254 29.45 -17.31 -35.32
C SER B 254 29.28 -16.49 -34.03
N TRP B 255 30.28 -16.60 -33.12
CA TRP B 255 30.31 -15.93 -31.82
C TRP B 255 31.13 -14.67 -31.78
N THR B 256 30.51 -13.61 -31.31
CA THR B 256 31.12 -12.29 -31.14
C THR B 256 31.70 -12.19 -29.71
N VAL B 257 32.61 -11.23 -29.48
CA VAL B 257 33.23 -10.98 -28.16
C VAL B 257 32.12 -10.72 -27.13
N ASN B 258 31.17 -9.83 -27.50
CA ASN B 258 30.00 -9.47 -26.73
C ASN B 258 29.16 -10.74 -26.37
N ASP B 259 29.00 -11.69 -27.36
CA ASP B 259 28.26 -12.95 -27.14
C ASP B 259 28.95 -13.84 -26.13
N ILE B 260 30.30 -13.87 -26.13
CA ILE B 260 31.07 -14.71 -25.18
C ILE B 260 30.98 -14.09 -23.80
N GLN B 261 31.12 -12.76 -23.73
CA GLN B 261 30.97 -11.96 -22.51
C GLN B 261 29.59 -12.20 -21.88
N LYS B 262 28.50 -12.11 -22.68
CA LYS B 262 27.13 -12.40 -22.25
C LYS B 262 27.03 -13.82 -21.71
N LEU B 263 27.67 -14.77 -22.41
CA LEU B 263 27.71 -16.19 -22.07
C LEU B 263 28.53 -16.48 -20.80
N VAL B 264 29.68 -15.78 -20.62
CA VAL B 264 30.50 -15.98 -19.41
C VAL B 264 29.84 -15.47 -18.12
N GLY B 265 29.13 -14.35 -18.21
CA GLY B 265 28.39 -13.78 -17.07
C GLY B 265 27.22 -14.66 -16.67
N LYS B 266 26.54 -15.22 -17.68
CA LYS B 266 25.41 -16.13 -17.55
C LYS B 266 25.87 -17.45 -16.94
N LEU B 267 27.05 -17.92 -17.35
CA LEU B 267 27.63 -19.14 -16.80
C LEU B 267 28.24 -18.87 -15.42
N ASN B 268 28.86 -17.69 -15.22
CA ASN B 268 29.46 -17.26 -13.95
C ASN B 268 28.42 -17.29 -12.85
N TRP B 269 27.19 -16.88 -13.19
CA TRP B 269 26.11 -16.86 -12.25
C TRP B 269 25.44 -18.24 -12.02
N ALA B 270 25.30 -19.06 -13.08
CA ALA B 270 24.72 -20.41 -12.99
C ALA B 270 25.59 -21.33 -12.11
N SER B 271 26.92 -21.04 -12.07
CA SER B 271 27.92 -21.76 -11.29
C SER B 271 27.76 -21.53 -9.77
N GLN B 272 27.04 -20.45 -9.40
CA GLN B 272 26.77 -20.11 -8.00
C GLN B 272 25.63 -20.99 -7.45
N ILE B 273 24.85 -21.62 -8.35
CA ILE B 273 23.73 -22.51 -8.00
C ILE B 273 24.01 -23.99 -8.36
N TYR B 274 24.52 -24.25 -9.58
CA TYR B 274 24.76 -25.62 -10.07
C TYR B 274 26.17 -26.23 -9.84
N PRO B 275 26.25 -27.38 -9.08
CA PRO B 275 27.54 -28.07 -8.94
C PRO B 275 28.03 -28.69 -10.26
N GLY B 276 29.27 -28.38 -10.64
CA GLY B 276 29.89 -28.90 -11.85
C GLY B 276 30.02 -27.99 -13.04
N ILE B 277 29.53 -26.73 -12.95
CA ILE B 277 29.63 -25.76 -14.06
C ILE B 277 31.11 -25.32 -14.22
N LYS B 278 31.56 -25.14 -15.48
CA LYS B 278 32.90 -24.69 -15.83
C LYS B 278 32.89 -23.63 -16.93
N VAL B 279 33.78 -22.64 -16.79
CA VAL B 279 33.90 -21.48 -17.68
C VAL B 279 35.36 -21.21 -18.10
N ARG B 280 36.32 -21.94 -17.48
CA ARG B 280 37.78 -21.87 -17.71
C ARG B 280 38.16 -21.79 -19.21
N GLN B 281 37.63 -22.72 -20.03
CA GLN B 281 37.88 -22.79 -21.48
C GLN B 281 37.28 -21.62 -22.27
N LEU B 282 36.03 -21.22 -21.92
CA LEU B 282 35.33 -20.08 -22.52
C LEU B 282 36.01 -18.75 -22.18
N CYS B 283 36.51 -18.60 -20.93
CA CYS B 283 37.23 -17.41 -20.46
C CYS B 283 38.53 -17.17 -21.21
N LYS B 284 39.25 -18.29 -21.54
CA LYS B 284 40.50 -18.31 -22.31
C LYS B 284 40.41 -17.49 -23.60
N LEU B 285 39.27 -17.62 -24.33
CA LEU B 285 38.95 -16.95 -25.60
C LEU B 285 38.98 -15.42 -25.48
N LEU B 286 38.64 -14.89 -24.29
CA LEU B 286 38.61 -13.47 -23.98
C LEU B 286 40.00 -12.97 -23.49
N ARG B 287 40.98 -12.86 -24.43
CA ARG B 287 42.33 -12.39 -24.14
C ARG B 287 42.68 -11.13 -24.95
N GLY B 288 43.08 -10.09 -24.22
CA GLY B 288 43.39 -8.79 -24.80
C GLY B 288 42.17 -7.89 -24.81
N THR B 289 42.37 -6.60 -25.09
CA THR B 289 41.27 -5.64 -25.16
C THR B 289 40.74 -5.57 -26.60
N LYS B 290 39.76 -6.45 -26.91
CA LYS B 290 39.18 -6.55 -28.25
C LYS B 290 37.88 -5.75 -28.44
N ALA B 291 37.52 -5.52 -29.71
CA ALA B 291 36.27 -4.87 -30.12
C ALA B 291 35.13 -5.84 -29.86
N LEU B 292 33.97 -5.32 -29.45
CA LEU B 292 32.80 -6.12 -29.08
C LEU B 292 32.18 -6.94 -30.20
N THR B 293 32.20 -6.40 -31.43
CA THR B 293 31.65 -7.02 -32.64
C THR B 293 32.61 -8.04 -33.31
N GLU B 294 33.82 -8.26 -32.75
CA GLU B 294 34.81 -9.14 -33.33
C GLU B 294 34.37 -10.58 -33.29
N VAL B 295 34.19 -11.18 -34.49
CA VAL B 295 33.78 -12.58 -34.62
C VAL B 295 34.99 -13.39 -34.22
N ILE B 296 34.94 -14.01 -33.06
CA ILE B 296 36.08 -14.81 -32.63
C ILE B 296 35.81 -16.30 -32.75
N PRO B 297 36.49 -16.97 -33.72
CA PRO B 297 36.27 -18.41 -33.93
C PRO B 297 36.44 -19.25 -32.68
N LEU B 298 35.45 -20.10 -32.39
CA LEU B 298 35.41 -20.98 -31.21
C LEU B 298 36.39 -22.17 -31.30
N THR B 299 36.60 -22.86 -30.17
CA THR B 299 37.50 -24.01 -30.09
C THR B 299 36.74 -25.37 -30.07
N GLU B 300 37.16 -26.30 -29.18
CA GLU B 300 36.60 -27.65 -29.05
C GLU B 300 36.38 -28.01 -27.57
N GLU B 301 37.30 -27.55 -26.72
CA GLU B 301 37.26 -27.71 -25.27
C GLU B 301 36.24 -26.70 -24.73
N ALA B 302 36.10 -25.55 -25.43
CA ALA B 302 35.10 -24.50 -25.12
C ALA B 302 33.73 -25.07 -25.49
N GLU B 303 33.67 -25.82 -26.61
CA GLU B 303 32.46 -26.52 -27.09
C GLU B 303 32.07 -27.65 -26.13
N LEU B 304 33.08 -28.32 -25.51
CA LEU B 304 32.93 -29.37 -24.52
C LEU B 304 32.25 -28.78 -23.28
N GLU B 305 32.77 -27.61 -22.78
CA GLU B 305 32.23 -26.87 -21.63
C GLU B 305 30.75 -26.54 -21.87
N LEU B 306 30.43 -25.83 -23.00
CA LEU B 306 29.07 -25.47 -23.40
C LEU B 306 28.11 -26.67 -23.24
N ALA B 307 28.38 -27.77 -23.96
CA ALA B 307 27.58 -29.00 -23.95
C ALA B 307 27.47 -29.66 -22.56
N GLU B 308 28.59 -29.68 -21.79
CA GLU B 308 28.60 -30.23 -20.42
C GLU B 308 27.78 -29.35 -19.46
N ASN B 309 27.82 -28.01 -19.65
CA ASN B 309 27.02 -27.07 -18.86
C ASN B 309 25.55 -27.21 -19.23
N ARG B 310 25.26 -27.30 -20.57
CA ARG B 310 23.92 -27.49 -21.14
C ARG B 310 23.24 -28.67 -20.47
N GLU B 311 23.97 -29.80 -20.33
CA GLU B 311 23.51 -31.04 -19.70
C GLU B 311 23.11 -30.79 -18.23
N ILE B 312 23.97 -30.08 -17.46
CA ILE B 312 23.69 -29.75 -16.05
C ILE B 312 22.48 -28.83 -15.95
N LEU B 313 22.41 -27.81 -16.83
CA LEU B 313 21.32 -26.81 -16.87
C LEU B 313 19.90 -27.40 -17.10
N LYS B 314 19.80 -28.51 -17.85
CA LYS B 314 18.52 -29.18 -18.12
C LYS B 314 18.01 -30.03 -16.96
N GLU B 315 18.95 -30.57 -16.14
CA GLU B 315 18.68 -31.42 -14.98
C GLU B 315 18.34 -30.65 -13.67
N PRO B 316 17.69 -31.30 -12.66
CA PRO B 316 17.41 -30.57 -11.38
C PRO B 316 18.69 -30.15 -10.64
N VAL B 317 18.58 -29.18 -9.71
CA VAL B 317 19.74 -28.67 -8.98
C VAL B 317 20.15 -29.68 -7.91
N HIS B 318 21.40 -30.12 -7.97
CA HIS B 318 21.91 -31.08 -7.02
C HIS B 318 22.17 -30.45 -5.66
N GLY B 319 21.58 -31.03 -4.62
CA GLY B 319 21.76 -30.60 -3.24
C GLY B 319 20.76 -29.62 -2.72
N VAL B 320 19.66 -29.45 -3.46
CA VAL B 320 18.61 -28.51 -3.10
C VAL B 320 17.34 -29.29 -2.78
N TYR B 321 16.90 -29.18 -1.53
CA TYR B 321 15.72 -29.83 -0.99
C TYR B 321 14.87 -28.84 -0.23
N TYR B 322 13.55 -29.03 -0.30
CA TYR B 322 12.56 -28.24 0.41
C TYR B 322 12.70 -28.49 1.91
N ASP B 323 12.77 -27.40 2.68
CA ASP B 323 12.80 -27.44 4.12
C ASP B 323 11.44 -26.92 4.64
N PRO B 324 10.60 -27.82 5.24
CA PRO B 324 9.27 -27.41 5.75
C PRO B 324 9.22 -26.33 6.82
N SER B 325 10.32 -26.13 7.57
CA SER B 325 10.40 -25.12 8.63
C SER B 325 10.75 -23.73 8.08
N LYS B 326 11.04 -23.64 6.76
CA LYS B 326 11.42 -22.39 6.10
C LYS B 326 10.38 -21.88 5.13
N ASP B 327 10.29 -20.54 5.01
CA ASP B 327 9.42 -19.83 4.08
C ASP B 327 9.90 -20.00 2.64
N LEU B 328 8.94 -20.07 1.69
CA LEU B 328 9.19 -20.16 0.26
C LEU B 328 9.20 -18.75 -0.30
N ILE B 329 10.11 -18.48 -1.22
CA ILE B 329 10.21 -17.17 -1.86
C ILE B 329 9.99 -17.36 -3.34
N ALA B 330 9.20 -16.48 -3.98
CA ALA B 330 9.04 -16.48 -5.43
C ALA B 330 9.52 -15.14 -5.98
N GLU B 331 10.37 -15.22 -7.00
CA GLU B 331 10.88 -14.04 -7.66
C GLU B 331 10.35 -14.04 -9.10
N ILE B 332 9.87 -12.89 -9.58
CA ILE B 332 9.33 -12.70 -10.94
C ILE B 332 10.09 -11.59 -11.69
N GLN B 333 10.39 -11.84 -12.98
CA GLN B 333 11.03 -10.84 -13.83
C GLN B 333 10.15 -10.64 -15.06
N LYS B 334 9.91 -9.37 -15.41
CA LYS B 334 9.25 -9.00 -16.66
C LYS B 334 10.30 -9.23 -17.78
N GLN B 335 9.98 -10.04 -18.79
CA GLN B 335 10.90 -10.36 -19.90
C GLN B 335 10.54 -9.66 -21.21
N GLY B 336 9.39 -8.97 -21.22
CA GLY B 336 8.87 -8.29 -22.40
C GLY B 336 7.99 -9.21 -23.24
N GLN B 337 7.18 -8.61 -24.15
CA GLN B 337 6.28 -9.33 -25.07
C GLN B 337 5.25 -10.26 -24.40
N GLY B 338 4.82 -9.89 -23.20
CA GLY B 338 3.86 -10.68 -22.43
C GLY B 338 4.43 -11.90 -21.75
N GLN B 339 5.77 -11.95 -21.61
CA GLN B 339 6.50 -13.08 -21.02
C GLN B 339 7.13 -12.72 -19.69
N TRP B 340 6.97 -13.63 -18.74
CA TRP B 340 7.49 -13.44 -17.40
C TRP B 340 8.18 -14.73 -16.97
N THR B 341 9.31 -14.61 -16.26
CA THR B 341 10.04 -15.75 -15.72
C THR B 341 9.93 -15.72 -14.21
N TYR B 342 10.05 -16.88 -13.57
CA TYR B 342 10.01 -16.92 -12.11
C TYR B 342 10.85 -18.05 -11.55
N GLN B 343 11.18 -17.94 -10.27
CA GLN B 343 11.99 -18.91 -9.55
C GLN B 343 11.42 -18.97 -8.17
N ILE B 344 11.36 -20.16 -7.60
CA ILE B 344 10.93 -20.42 -6.24
C ILE B 344 12.15 -21.01 -5.51
N TYR B 345 12.45 -20.47 -4.33
CA TYR B 345 13.58 -20.90 -3.50
C TYR B 345 13.31 -20.59 -2.02
N GLN B 346 14.15 -21.13 -1.13
CA GLN B 346 14.04 -20.86 0.31
C GLN B 346 15.28 -20.12 0.72
N GLU B 347 16.40 -20.45 0.08
CA GLU B 347 17.70 -19.80 0.21
C GLU B 347 18.06 -19.21 -1.16
N PRO B 348 18.43 -17.90 -1.25
CA PRO B 348 18.71 -17.30 -2.58
C PRO B 348 19.72 -18.10 -3.39
N PHE B 349 19.43 -18.26 -4.71
CA PHE B 349 20.15 -19.05 -5.72
C PHE B 349 19.61 -20.47 -5.80
N LYS B 350 19.50 -21.15 -4.63
CA LYS B 350 19.03 -22.52 -4.37
C LYS B 350 17.54 -22.76 -4.91
N ASN B 351 17.36 -22.77 -6.26
CA ASN B 351 16.04 -22.90 -6.90
C ASN B 351 15.40 -24.25 -6.76
N LEU B 352 14.20 -24.27 -6.18
CA LEU B 352 13.38 -25.46 -5.98
C LEU B 352 12.60 -25.69 -7.28
N LYS B 353 12.18 -24.58 -7.93
CA LYS B 353 11.43 -24.58 -9.19
C LYS B 353 11.65 -23.29 -9.93
N THR B 354 11.71 -23.39 -11.25
CA THR B 354 11.79 -22.27 -12.18
C THR B 354 10.71 -22.50 -13.21
N GLY B 355 10.25 -21.43 -13.81
CA GLY B 355 9.23 -21.51 -14.85
C GLY B 355 9.09 -20.22 -15.59
N LYS B 356 8.03 -20.12 -16.37
CA LYS B 356 7.68 -18.94 -17.13
C LYS B 356 6.16 -18.79 -17.25
N TYR B 357 5.71 -17.56 -17.43
CA TYR B 357 4.31 -17.28 -17.66
C TYR B 357 4.20 -16.44 -18.92
N ALA B 358 3.25 -16.78 -19.79
CA ALA B 358 3.03 -16.08 -21.06
C ALA B 358 1.56 -15.73 -21.22
N ARG B 359 1.28 -14.50 -21.73
CA ARG B 359 -0.08 -13.97 -21.98
C ARG B 359 -0.81 -14.81 -23.03
N HIS B 364 -5.50 -8.06 -25.29
CA HIS B 364 -5.91 -6.85 -24.55
C HIS B 364 -5.47 -6.90 -23.06
N THR B 365 -4.31 -7.55 -22.79
CA THR B 365 -3.77 -7.76 -21.44
C THR B 365 -2.63 -6.78 -21.11
N ASN B 366 -2.73 -6.09 -19.94
CA ASN B 366 -1.72 -5.16 -19.47
C ASN B 366 -0.78 -5.82 -18.46
N ASP B 367 0.31 -5.12 -18.07
CA ASP B 367 1.34 -5.60 -17.15
C ASP B 367 0.83 -6.04 -15.80
N VAL B 368 -0.10 -5.27 -15.21
CA VAL B 368 -0.68 -5.58 -13.89
C VAL B 368 -1.54 -6.83 -13.99
N LYS B 369 -2.36 -6.94 -15.04
CA LYS B 369 -3.22 -8.12 -15.29
C LYS B 369 -2.34 -9.37 -15.49
N GLN B 370 -1.22 -9.25 -16.25
CA GLN B 370 -0.26 -10.31 -16.52
C GLN B 370 0.45 -10.73 -15.25
N LEU B 371 0.87 -9.74 -14.42
CA LEU B 371 1.55 -9.99 -13.16
C LEU B 371 0.66 -10.73 -12.14
N THR B 372 -0.65 -10.37 -12.02
CA THR B 372 -1.59 -11.04 -11.09
C THR B 372 -1.86 -12.46 -11.52
N GLU B 373 -1.94 -12.68 -12.84
CA GLU B 373 -2.17 -14.00 -13.43
C GLU B 373 -1.00 -14.92 -13.15
N ALA B 374 0.23 -14.38 -13.26
CA ALA B 374 1.47 -15.09 -12.96
C ALA B 374 1.57 -15.43 -11.45
N VAL B 375 1.22 -14.46 -10.56
CA VAL B 375 1.23 -14.65 -9.10
C VAL B 375 0.31 -15.80 -8.70
N GLN B 376 -0.91 -15.79 -9.25
CA GLN B 376 -1.91 -16.83 -8.98
C GLN B 376 -1.50 -18.19 -9.52
N LYS B 377 -0.91 -18.24 -10.71
CA LYS B 377 -0.42 -19.49 -11.28
C LYS B 377 0.74 -20.05 -10.42
N ILE B 378 1.70 -19.20 -10.02
CA ILE B 378 2.84 -19.61 -9.20
C ILE B 378 2.37 -20.10 -7.83
N THR B 379 1.39 -19.42 -7.22
CA THR B 379 0.83 -19.80 -5.93
C THR B 379 0.18 -21.16 -5.99
N THR B 380 -0.71 -21.40 -7.00
CA THR B 380 -1.39 -22.70 -7.13
C THR B 380 -0.39 -23.86 -7.31
N GLU B 381 0.69 -23.65 -8.11
CA GLU B 381 1.76 -24.67 -8.27
C GLU B 381 2.46 -24.95 -6.96
N SER B 382 2.68 -23.91 -6.19
CA SER B 382 3.32 -23.97 -4.88
C SER B 382 2.45 -24.72 -3.87
N ILE B 383 1.12 -24.52 -3.95
CA ILE B 383 0.18 -25.22 -3.07
C ILE B 383 0.22 -26.72 -3.41
N VAL B 384 0.17 -27.02 -4.71
CA VAL B 384 0.20 -28.38 -5.25
C VAL B 384 1.47 -29.11 -4.86
N ILE B 385 2.64 -28.46 -5.06
CA ILE B 385 3.96 -29.01 -4.75
C ILE B 385 4.28 -29.07 -3.26
N TRP B 386 4.14 -27.95 -2.52
CA TRP B 386 4.57 -27.91 -1.11
C TRP B 386 3.50 -27.76 -0.06
N GLY B 387 2.29 -27.43 -0.46
CA GLY B 387 1.22 -27.23 0.50
C GLY B 387 1.31 -25.89 1.19
N LYS B 388 2.00 -24.94 0.57
CA LYS B 388 2.12 -23.57 1.07
C LYS B 388 2.39 -22.57 -0.02
N THR B 389 2.01 -21.35 0.25
CA THR B 389 2.14 -20.24 -0.66
C THR B 389 3.52 -19.59 -0.48
N PRO B 390 4.13 -19.09 -1.58
CA PRO B 390 5.42 -18.39 -1.45
C PRO B 390 5.23 -16.91 -1.05
N LYS B 391 6.32 -16.21 -0.64
CA LYS B 391 6.26 -14.75 -0.45
C LYS B 391 6.83 -14.25 -1.73
N PHE B 392 6.08 -13.38 -2.41
CA PHE B 392 6.46 -12.81 -3.69
C PHE B 392 7.26 -11.51 -3.60
N LYS B 393 8.26 -11.43 -4.46
CA LYS B 393 9.11 -10.27 -4.67
C LYS B 393 8.66 -9.73 -6.00
N LEU B 394 7.80 -8.68 -5.97
CA LEU B 394 7.13 -8.12 -7.14
C LEU B 394 7.81 -6.92 -7.80
N PRO B 395 8.08 -7.02 -9.13
CA PRO B 395 8.76 -5.93 -9.86
C PRO B 395 7.78 -4.85 -10.33
N ILE B 396 7.12 -4.20 -9.38
CA ILE B 396 6.11 -3.19 -9.59
C ILE B 396 6.17 -2.21 -8.42
N GLN B 397 5.55 -1.03 -8.58
CA GLN B 397 5.50 -0.01 -7.56
C GLN B 397 4.39 -0.40 -6.60
N LYS B 398 4.70 -0.35 -5.29
CA LYS B 398 3.79 -0.70 -4.20
C LYS B 398 2.38 -0.17 -4.45
N GLU B 399 2.29 1.14 -4.80
CA GLU B 399 1.04 1.89 -5.03
C GLU B 399 0.22 1.46 -6.23
N THR B 400 0.87 1.26 -7.39
CA THR B 400 0.14 0.78 -8.58
C THR B 400 -0.41 -0.63 -8.36
N TRP B 401 0.41 -1.51 -7.73
CA TRP B 401 -0.01 -2.86 -7.38
C TRP B 401 -1.21 -2.79 -6.43
N GLU B 402 -1.08 -1.98 -5.35
CA GLU B 402 -2.16 -1.78 -4.36
C GLU B 402 -3.48 -1.23 -4.93
N THR B 403 -3.40 -0.37 -5.96
CA THR B 403 -4.62 0.16 -6.61
C THR B 403 -5.30 -0.88 -7.51
N TRP B 404 -4.50 -1.59 -8.31
CA TRP B 404 -5.01 -2.47 -9.35
C TRP B 404 -5.14 -3.96 -9.13
N TRP B 405 -4.32 -4.59 -8.26
CA TRP B 405 -4.35 -6.06 -8.10
C TRP B 405 -5.71 -6.76 -8.03
N THR B 406 -6.70 -6.13 -7.36
CA THR B 406 -8.07 -6.69 -7.18
C THR B 406 -8.90 -6.72 -8.42
N GLU B 407 -8.57 -5.88 -9.40
CA GLU B 407 -9.28 -5.77 -10.69
C GLU B 407 -9.21 -7.05 -11.50
N TYR B 408 -8.22 -7.88 -11.19
CA TYR B 408 -7.92 -9.10 -11.92
C TYR B 408 -7.78 -10.32 -11.03
N TRP B 409 -7.67 -10.12 -9.69
CA TRP B 409 -7.58 -11.24 -8.74
C TRP B 409 -8.80 -12.11 -8.79
N GLN B 410 -8.59 -13.42 -8.80
CA GLN B 410 -9.66 -14.38 -8.90
C GLN B 410 -9.60 -15.46 -7.84
N ALA B 411 -8.45 -15.63 -7.15
CA ALA B 411 -8.34 -16.66 -6.12
C ALA B 411 -8.98 -16.21 -4.80
N THR B 412 -9.27 -17.18 -3.90
CA THR B 412 -9.90 -16.93 -2.60
C THR B 412 -8.85 -16.74 -1.50
N TRP B 413 -7.57 -16.98 -1.84
CA TRP B 413 -6.41 -16.76 -0.97
C TRP B 413 -5.61 -15.57 -1.52
N ILE B 414 -4.74 -15.03 -0.70
CA ILE B 414 -3.84 -13.92 -1.05
C ILE B 414 -2.47 -14.26 -0.49
N PRO B 415 -1.43 -14.37 -1.33
CA PRO B 415 -0.12 -14.64 -0.77
C PRO B 415 0.47 -13.35 -0.20
N GLU B 416 1.58 -13.50 0.54
CA GLU B 416 2.33 -12.37 1.07
C GLU B 416 3.20 -11.82 -0.08
N TRP B 417 3.45 -10.51 -0.09
CA TRP B 417 4.27 -9.92 -1.13
C TRP B 417 5.10 -8.73 -0.63
N GLU B 418 6.21 -8.45 -1.33
CA GLU B 418 7.22 -7.39 -1.15
C GLU B 418 7.35 -6.74 -2.51
N PHE B 419 7.87 -5.51 -2.53
CA PHE B 419 8.12 -4.78 -3.76
C PHE B 419 9.59 -4.63 -3.94
N VAL B 420 10.09 -5.19 -5.04
CA VAL B 420 11.51 -5.20 -5.35
C VAL B 420 11.86 -4.46 -6.65
N ASN B 421 13.13 -4.06 -6.76
CA ASN B 421 13.64 -3.41 -7.96
C ASN B 421 14.53 -4.45 -8.62
N THR B 422 13.97 -5.19 -9.62
CA THR B 422 14.65 -6.27 -10.36
C THR B 422 16.08 -5.89 -10.80
N PRO B 423 17.13 -6.61 -10.30
CA PRO B 423 18.50 -6.33 -10.77
C PRO B 423 18.58 -6.54 -12.29
N PRO B 424 19.30 -5.65 -13.01
CA PRO B 424 19.34 -5.71 -14.48
C PRO B 424 19.83 -7.01 -15.11
N LEU B 425 20.65 -7.77 -14.39
CA LEU B 425 21.19 -8.99 -14.95
C LEU B 425 20.44 -10.29 -14.69
N VAL B 426 19.65 -10.35 -13.60
CA VAL B 426 18.78 -11.50 -13.26
C VAL B 426 17.85 -11.82 -14.44
N LYS B 427 17.31 -10.76 -15.10
CA LYS B 427 16.42 -10.81 -16.26
C LYS B 427 17.05 -11.59 -17.40
N LEU B 428 18.22 -11.14 -17.93
CA LEU B 428 18.88 -11.83 -19.04
C LEU B 428 19.44 -13.23 -18.74
N TRP B 429 19.78 -13.49 -17.46
CA TRP B 429 20.29 -14.78 -17.03
C TRP B 429 19.15 -15.82 -16.99
N TYR B 430 17.90 -15.33 -16.84
CA TYR B 430 16.68 -16.14 -16.82
C TYR B 430 15.86 -16.09 -18.12
N GLN B 431 16.36 -15.34 -19.13
CA GLN B 431 15.76 -15.14 -20.45
C GLN B 431 15.76 -16.43 -21.26
C 5MA C . -24.46 18.17 2.44
N 5MA C . -22.71 20.83 -0.24
O 5MA C . -23.26 19.18 4.15
C1 5MA C . -24.79 18.00 1.09
CL1 5MA C . -25.15 17.18 3.62
C2 5MA C . -24.30 18.86 0.10
CL2 5MA C . -18.59 17.42 4.43
C3 5MA C . -23.41 19.85 0.47
CL3 5MA C . -22.72 21.76 5.43
C4 5MA C . -23.04 20.04 1.78
C5 5MA C . -23.58 19.14 2.80
C6 5MA C . -21.00 18.42 4.29
C7 5MA C . -21.92 19.38 4.52
C8 5MA C . -21.54 20.56 5.16
C9 5MA C . -20.23 20.81 5.60
C10 5MA C . -19.27 19.81 5.38
C11 5MA C . -19.70 18.64 4.73
N12 5MA C . -21.95 21.58 0.60
N13 5MA C . -22.15 21.07 1.84
C14 5MA C . -22.80 21.22 -1.61
C15 5MA C . -24.09 22.07 -1.47
N16 5MA C . -25.23 21.67 -2.08
N17 5MA C . -26.17 22.60 -1.74
C18 5MA C . -25.72 23.56 -0.93
C19 5MA C . -24.35 23.28 -0.71
N20 5MA C . -26.46 24.59 -0.39
C21 5MA C . -25.71 25.42 0.46
C22 5MA C . -24.32 25.30 0.75
C23 5MA C . -23.66 24.19 0.16
C24 5MA C . -19.83 22.09 6.28
N26 5MA C . -20.52 22.25 7.56
#